data_3PY4
#
_entry.id   3PY4
#
_cell.length_a   53.810
_cell.length_b   80.673
_cell.length_c   74.442
_cell.angle_alpha   90.00
_cell.angle_beta   103.07
_cell.angle_gamma   90.00
#
_symmetry.space_group_name_H-M   'P 1 21 1'
#
loop_
_entity.id
_entity.type
_entity.pdbx_description
1 polymer Lactoperoxidase
2 branched 2-acetamido-2-deoxy-beta-D-glucopyranose-(1-4)-2-acetamido-2-deoxy-beta-D-glucopyranose
3 branched alpha-D-mannopyranose-(1-4)-2-acetamido-2-deoxy-beta-D-glucopyranose-(1-4)-2-acetamido-2-deoxy-beta-D-glucopyranose
4 non-polymer 'CALCIUM ION'
5 non-polymer 'PROTOPORPHYRIN IX CONTAINING FE'
6 non-polymer 2-acetamido-2-deoxy-beta-D-glucopyranose
7 non-polymer 'IODIDE ION'
8 non-polymer 'N-(4-HYDROXYPHENYL)ACETAMIDE (TYLENOL)'
9 non-polymer (4S)-2-METHYL-2,4-PENTANEDIOL
10 non-polymer 'THIOCYANATE ION'
11 non-polymer 1,2-ETHANEDIOL
12 non-polymer GLYCEROL
13 water water
#
_entity_poly.entity_id   1
_entity_poly.type   'polypeptide(L)'
_entity_poly.pdbx_seq_one_letter_code
;SWEVGCGAPVPLVKCDENSPYRTITGDCNNRRSPALGAANRALARWLPAEYEDGLALPFGWTQRKTRNGFRVPLAREVSN
KIVGYLDEEGVLDQNRSLLFMQWGQIVDHDLDFAPETELGSNEHSKTQCEEYCIQGDNCFPIMFPKNDPKLKTQGKCMPF
FRAGFVCPTPPYQSLAREQINAVTSFLDASLVYGSEP(SEP)LASRLRNLSSPLGLMAVNQEAWDHGLAYLPFNNKKPSP
CEFINTTARVPCFLAGDFRASEQILLATAHTLLLREHNRLARELKKLNPHWNGEKLYQEARKILGAFIQIITFRDYLPIV
LGSEMQKWIPPYQGYNNSVDPRISNVFTFAFRFGHMEVPSTVSRLDENYQPWGPEAELPLHTLFFNTWRIIKDGGIDPLV
RGLLAKKSKLMNQDKMVTSELRNKLFQPTHKIHGFDLAAINLQRCRDHGMPGYNSWRGFCGLSQPKTLKGLQTVLKNKIL
AKKLMDLYKTPDNIDIWIGGNAEPMVERGRVGPLLACLLGRQFQQIRDGDRFWWENPGVFTEKQRDSLQKVSFSRLICDN
THITKVPLHAFQANNYPHDFVDCSTVDKLDLSPWASREN
;
_entity_poly.pdbx_strand_id   A
#
loop_
_chem_comp.id
_chem_comp.type
_chem_comp.name
_chem_comp.formula
CA non-polymer 'CALCIUM ION' 'Ca 2'
EDO non-polymer 1,2-ETHANEDIOL 'C2 H6 O2'
GOL non-polymer GLYCEROL 'C3 H8 O3'
HEM non-polymer 'PROTOPORPHYRIN IX CONTAINING FE' 'C34 H32 Fe N4 O4'
IOD non-polymer 'IODIDE ION' 'I -1'
MAN D-saccharide, alpha linking alpha-D-mannopyranose 'C6 H12 O6'
MPD non-polymer (4S)-2-METHYL-2,4-PENTANEDIOL 'C6 H14 O2'
NAG D-saccharide, beta linking 2-acetamido-2-deoxy-beta-D-glucopyranose 'C8 H15 N O6'
SCN non-polymer 'THIOCYANATE ION' 'C N S -1'
TYL non-polymer 'N-(4-HYDROXYPHENYL)ACETAMIDE (TYLENOL)' 'C8 H9 N O2'
#
# COMPACT_ATOMS: atom_id res chain seq x y z
N SER A 1 -12.89 -1.63 34.22
CA SER A 1 -12.08 -0.85 33.24
C SER A 1 -11.64 -1.70 32.04
N TRP A 2 -11.87 -1.17 30.83
CA TRP A 2 -11.59 -1.86 29.55
C TRP A 2 -12.44 -3.13 29.33
N GLU A 3 -13.77 -2.99 29.22
CA GLU A 3 -14.64 -4.14 28.89
C GLU A 3 -14.29 -4.69 27.49
N VAL A 4 -14.15 -6.01 27.39
CA VAL A 4 -13.52 -6.64 26.21
C VAL A 4 -14.40 -6.70 24.93
N GLY A 5 -14.63 -5.53 24.31
CA GLY A 5 -15.11 -5.48 22.92
C GLY A 5 -16.43 -4.85 22.53
N CYS A 6 -16.37 -3.86 21.64
CA CYS A 6 -17.51 -3.46 20.80
C CYS A 6 -17.45 -4.38 19.58
N GLY A 7 -18.60 -4.90 19.16
CA GLY A 7 -18.64 -5.90 18.10
C GLY A 7 -19.94 -5.95 17.31
N ALA A 8 -20.48 -4.75 17.03
CA ALA A 8 -21.64 -4.62 16.17
C ALA A 8 -21.32 -4.89 14.69
N PRO A 9 -20.14 -4.43 14.18
CA PRO A 9 -19.83 -4.69 12.77
C PRO A 9 -19.60 -6.19 12.42
N VAL A 10 -18.53 -6.81 12.94
CA VAL A 10 -18.28 -8.23 12.68
C VAL A 10 -19.05 -9.12 13.67
N PRO A 11 -20.23 -9.60 13.24
CA PRO A 11 -21.11 -10.36 14.12
C PRO A 11 -20.93 -11.87 13.92
N LEU A 12 -21.03 -12.30 12.67
CA LEU A 12 -20.90 -13.70 12.31
C LEU A 12 -19.51 -14.25 12.62
N VAL A 13 -19.47 -15.39 13.30
CA VAL A 13 -18.22 -16.04 13.63
C VAL A 13 -18.51 -17.54 13.60
N LYS A 14 -18.12 -18.16 12.50
CA LYS A 14 -18.31 -19.59 12.29
C LYS A 14 -17.04 -20.09 11.65
N CYS A 15 -16.34 -20.98 12.33
CA CYS A 15 -15.09 -21.48 11.80
C CYS A 15 -15.01 -22.98 11.57
N ASP A 16 -14.91 -23.36 10.30
CA ASP A 16 -14.76 -24.78 9.99
C ASP A 16 -13.35 -25.04 10.50
N GLU A 17 -13.20 -26.02 11.37
CA GLU A 17 -11.89 -26.28 11.92
C GLU A 17 -10.84 -26.88 10.99
N ASN A 18 -11.15 -28.01 10.35
CA ASN A 18 -10.18 -28.67 9.49
C ASN A 18 -9.48 -27.88 8.37
N SER A 19 -10.10 -26.87 7.82
CA SER A 19 -9.71 -26.19 6.56
C SER A 19 -8.22 -26.02 6.27
N PRO A 20 -7.80 -26.32 5.02
CA PRO A 20 -6.42 -26.14 4.58
C PRO A 20 -6.15 -24.82 3.87
N TYR A 21 -7.18 -23.98 3.80
CA TYR A 21 -7.06 -22.69 3.12
C TYR A 21 -7.47 -21.52 4.00
N ARG A 22 -6.89 -20.36 3.73
CA ARG A 22 -7.22 -19.15 4.48
C ARG A 22 -8.62 -18.77 4.06
N THR A 23 -9.33 -18.03 4.89
CA THR A 23 -10.65 -17.57 4.48
C THR A 23 -10.36 -16.29 3.71
N ILE A 24 -11.37 -15.76 3.02
CA ILE A 24 -11.18 -14.53 2.28
C ILE A 24 -11.11 -13.35 3.25
N THR A 25 -11.98 -13.38 4.25
CA THR A 25 -12.02 -12.29 5.23
C THR A 25 -10.90 -12.33 6.26
N GLY A 26 -10.15 -13.42 6.30
CA GLY A 26 -9.07 -13.53 7.25
C GLY A 26 -9.49 -14.14 8.56
N ASP A 27 -10.79 -14.31 8.75
CA ASP A 27 -11.30 -14.93 9.97
C ASP A 27 -10.76 -16.34 10.15
N CYS A 28 -10.84 -16.84 11.38
CA CYS A 28 -10.39 -18.20 11.73
C CYS A 28 -8.91 -18.51 11.63
N ASN A 29 -8.10 -17.54 11.23
CA ASN A 29 -6.66 -17.78 11.13
C ASN A 29 -6.17 -18.16 12.52
N ASN A 30 -6.56 -17.36 13.50
CA ASN A 30 -6.19 -17.63 14.89
C ASN A 30 -7.33 -18.37 15.53
N ARG A 31 -7.08 -19.62 15.91
CA ARG A 31 -8.12 -20.45 16.50
C ARG A 31 -8.59 -20.05 17.89
N ARG A 32 -7.73 -19.46 18.70
CA ARG A 32 -8.11 -19.06 20.04
C ARG A 32 -8.99 -17.81 19.97
N SER A 33 -8.60 -16.88 19.09
CA SER A 33 -9.32 -15.63 18.86
C SER A 33 -9.45 -15.53 17.34
N PRO A 34 -10.53 -16.08 16.77
CA PRO A 34 -10.81 -16.09 15.33
C PRO A 34 -10.97 -14.80 14.55
N ALA A 35 -11.25 -13.69 15.21
CA ALA A 35 -11.41 -12.44 14.47
C ALA A 35 -10.14 -11.61 14.34
N LEU A 36 -9.05 -12.05 14.96
CA LEU A 36 -7.77 -11.33 14.89
C LEU A 36 -7.14 -11.36 13.51
N GLY A 37 -7.09 -10.19 12.87
CA GLY A 37 -6.49 -10.09 11.55
C GLY A 37 -7.49 -10.11 10.42
N ALA A 38 -8.78 -10.22 10.73
CA ALA A 38 -9.82 -10.24 9.70
C ALA A 38 -10.08 -8.82 9.24
N ALA A 39 -10.54 -8.68 8.01
CA ALA A 39 -10.82 -7.36 7.47
C ALA A 39 -12.04 -6.78 8.16
N ASN A 40 -12.26 -5.48 8.01
CA ASN A 40 -13.41 -4.82 8.62
C ASN A 40 -13.45 -4.78 10.15
N ARG A 41 -12.29 -4.84 10.77
CA ARG A 41 -12.20 -4.73 12.23
C ARG A 41 -11.33 -3.51 12.51
N ALA A 42 -11.34 -3.03 13.74
CA ALA A 42 -10.53 -1.85 14.07
C ALA A 42 -9.04 -2.11 13.94
N LEU A 43 -8.31 -1.09 13.53
CA LEU A 43 -6.85 -1.20 13.43
C LEU A 43 -6.38 -1.35 14.86
N ALA A 44 -5.28 -2.07 15.07
CA ALA A 44 -4.78 -2.24 16.43
C ALA A 44 -4.16 -0.96 16.96
N ARG A 45 -4.25 -0.74 18.26
CA ARG A 45 -3.62 0.43 18.86
C ARG A 45 -2.41 -0.05 19.66
N TRP A 46 -1.22 0.37 19.25
CA TRP A 46 -0.01 -0.03 19.97
C TRP A 46 0.18 0.91 21.16
N LEU A 47 -0.39 2.11 21.04
CA LEU A 47 -0.36 3.11 22.09
C LEU A 47 -1.73 3.76 22.05
N PRO A 48 -2.21 4.23 23.21
CA PRO A 48 -3.52 4.87 23.29
C PRO A 48 -3.64 6.02 22.29
N ALA A 49 -4.84 6.21 21.75
CA ALA A 49 -5.04 7.27 20.78
C ALA A 49 -4.97 8.63 21.45
N GLU A 50 -4.60 9.64 20.66
CA GLU A 50 -4.49 10.98 21.17
C GLU A 50 -5.34 11.94 20.36
N TYR A 51 -6.46 12.35 20.93
CA TYR A 51 -7.40 13.26 20.30
C TYR A 51 -7.48 14.56 21.10
N GLU A 52 -7.83 15.65 20.41
CA GLU A 52 -7.97 16.96 21.02
C GLU A 52 -8.88 16.89 22.24
N ASP A 53 -9.97 16.13 22.12
CA ASP A 53 -10.92 15.98 23.22
C ASP A 53 -10.73 14.60 23.87
N GLY A 54 -9.64 13.93 23.54
CA GLY A 54 -9.37 12.62 24.10
C GLY A 54 -10.30 11.51 23.65
N LEU A 55 -11.28 11.82 22.80
CA LEU A 55 -12.22 10.82 22.32
C LEU A 55 -12.30 10.60 20.81
N ALA A 56 -12.60 11.67 20.07
CA ALA A 56 -12.72 11.57 18.62
C ALA A 56 -12.19 12.76 17.79
N LEU A 57 -12.29 13.98 18.29
CA LEU A 57 -11.82 15.15 17.54
C LEU A 57 -10.31 15.17 17.35
N PRO A 58 -9.86 15.41 16.11
CA PRO A 58 -8.43 15.45 15.82
C PRO A 58 -7.79 16.77 16.23
N PHE A 59 -6.49 16.73 16.47
CA PHE A 59 -5.78 17.95 16.83
C PHE A 59 -5.79 18.82 15.57
N GLY A 60 -6.15 20.09 15.73
CA GLY A 60 -6.21 20.99 14.60
C GLY A 60 -7.66 21.27 14.25
N TRP A 61 -8.57 20.72 15.04
CA TRP A 61 -9.99 20.90 14.81
C TRP A 61 -10.48 22.22 15.41
N THR A 62 -10.30 22.38 16.73
CA THR A 62 -10.70 23.62 17.40
C THR A 62 -9.51 24.56 17.45
N GLN A 63 -9.67 25.75 16.88
CA GLN A 63 -8.60 26.74 16.84
C GLN A 63 -7.94 27.02 18.19
N ARG A 64 -8.76 27.37 19.17
CA ARG A 64 -8.26 27.69 20.50
C ARG A 64 -7.64 26.55 21.31
N LYS A 65 -7.88 25.30 20.91
CA LYS A 65 -7.29 24.18 21.65
C LYS A 65 -5.90 23.82 21.12
N THR A 66 -4.94 23.81 22.02
CA THR A 66 -3.56 23.53 21.64
C THR A 66 -3.15 22.09 21.94
N ARG A 67 -2.00 21.71 21.39
CA ARG A 67 -1.44 20.39 21.66
C ARG A 67 -0.18 20.68 22.47
N ASN A 68 -0.16 20.24 23.72
CA ASN A 68 0.98 20.48 24.58
C ASN A 68 1.33 21.98 24.72
N GLY A 69 0.33 22.83 24.55
CA GLY A 69 0.56 24.25 24.68
C GLY A 69 0.86 25.00 23.41
N PHE A 70 0.63 24.36 22.27
CA PHE A 70 0.91 25.01 20.99
C PHE A 70 -0.11 24.64 19.92
N ARG A 71 -0.25 25.54 18.94
CA ARG A 71 -1.18 25.29 17.85
C ARG A 71 -0.44 24.34 16.93
N VAL A 72 -1.17 23.48 16.25
CA VAL A 72 -0.52 22.59 15.31
C VAL A 72 -0.58 23.31 13.98
N PRO A 73 0.53 23.30 13.25
CA PRO A 73 0.55 23.97 11.94
C PRO A 73 -0.37 23.26 10.96
N LEU A 74 -0.88 24.02 10.00
CA LEU A 74 -1.76 23.48 8.96
C LEU A 74 -0.99 22.42 8.17
N ALA A 75 -1.68 21.37 7.76
CA ALA A 75 -1.04 20.31 6.99
C ALA A 75 -0.36 20.83 5.73
N ARG A 76 -1.05 21.69 4.99
CA ARG A 76 -0.50 22.26 3.76
C ARG A 76 0.74 23.13 3.97
N GLU A 77 0.80 23.86 5.08
CA GLU A 77 1.99 24.69 5.32
C GLU A 77 3.20 23.77 5.54
N VAL A 78 3.05 22.76 6.39
CA VAL A 78 4.13 21.81 6.64
C VAL A 78 4.52 21.20 5.29
N SER A 79 3.51 20.96 4.45
CA SER A 79 3.79 20.42 3.14
C SER A 79 4.65 21.39 2.30
N ASN A 80 4.20 22.64 2.16
CA ASN A 80 4.93 23.65 1.40
C ASN A 80 6.32 23.98 1.90
N LYS A 81 6.49 24.06 3.22
CA LYS A 81 7.79 24.44 3.76
C LYS A 81 8.84 23.35 3.89
N ILE A 82 8.40 22.10 3.94
CA ILE A 82 9.34 21.01 4.12
C ILE A 82 9.30 19.95 3.05
N VAL A 83 8.09 19.58 2.63
CA VAL A 83 7.93 18.50 1.65
C VAL A 83 8.25 18.81 0.20
N GLY A 84 7.90 20.00 -0.26
CA GLY A 84 8.14 20.35 -1.66
C GLY A 84 9.57 20.63 -2.10
N TYR A 85 9.76 20.67 -3.41
CA TYR A 85 11.06 20.96 -4.03
C TYR A 85 10.83 21.09 -5.54
N LEU A 86 11.69 21.83 -6.23
CA LEU A 86 11.54 22.05 -7.66
C LEU A 86 12.38 21.20 -8.59
N ASP A 87 13.60 20.96 -8.17
CA ASP A 87 14.56 20.35 -9.10
C ASP A 87 14.60 18.83 -8.97
N GLU A 88 14.08 18.20 -10.08
CA GLU A 88 13.99 16.74 -10.11
C GLU A 88 15.29 16.08 -10.57
N GLU A 89 16.40 16.89 -10.70
CA GLU A 89 17.70 16.31 -11.10
C GLU A 89 18.39 15.70 -9.92
N GLY A 90 19.09 14.61 -10.17
CA GLY A 90 19.86 13.95 -9.12
C GLY A 90 19.05 13.42 -7.95
N VAL A 91 17.74 13.34 -8.11
CA VAL A 91 16.88 12.85 -7.05
C VAL A 91 16.72 11.33 -7.07
N LEU A 92 17.06 10.72 -8.21
CA LEU A 92 16.94 9.28 -8.40
C LEU A 92 17.87 8.39 -7.57
N ASP A 93 17.33 7.26 -7.14
CA ASP A 93 18.02 6.27 -6.32
C ASP A 93 18.89 5.41 -7.22
N GLN A 94 20.19 5.69 -7.24
CA GLN A 94 21.12 4.94 -8.07
C GLN A 94 21.14 3.45 -7.79
N ASN A 95 20.41 3.02 -6.76
CA ASN A 95 20.47 1.61 -6.43
C ASN A 95 19.18 0.87 -6.07
N ARG A 96 18.06 1.40 -6.53
CA ARG A 96 16.76 0.79 -6.32
C ARG A 96 15.99 0.98 -7.62
N SER A 97 15.53 -0.12 -8.21
CA SER A 97 14.77 -0.04 -9.45
C SER A 97 13.44 0.60 -9.11
N LEU A 98 12.67 0.98 -10.13
CA LEU A 98 11.38 1.57 -9.87
C LEU A 98 10.43 0.48 -9.37
N LEU A 99 10.83 -0.77 -9.55
CA LEU A 99 10.03 -1.91 -9.08
C LEU A 99 9.98 -1.88 -7.56
N PHE A 100 11.05 -1.36 -6.97
CA PHE A 100 11.21 -1.23 -5.52
C PHE A 100 10.05 -0.45 -4.93
N MET A 101 9.85 0.74 -5.45
CA MET A 101 8.75 1.59 -5.03
C MET A 101 7.42 0.87 -5.25
N GLN A 102 7.24 0.32 -6.45
CA GLN A 102 5.99 -0.36 -6.79
C GLN A 102 5.62 -1.56 -5.92
N TRP A 103 6.61 -2.36 -5.55
CA TRP A 103 6.34 -3.51 -4.71
C TRP A 103 5.87 -3.02 -3.35
N GLY A 104 6.42 -1.89 -2.88
CA GLY A 104 6.01 -1.36 -1.59
C GLY A 104 4.52 -1.05 -1.56
N GLN A 105 4.02 -0.42 -2.60
CA GLN A 105 2.58 -0.04 -2.66
C GLN A 105 1.69 -1.30 -2.72
N ILE A 106 2.20 -2.27 -3.49
CA ILE A 106 1.49 -3.56 -3.62
C ILE A 106 1.30 -4.23 -2.26
N VAL A 107 2.42 -4.45 -1.56
CA VAL A 107 2.41 -5.09 -0.24
C VAL A 107 1.53 -4.29 0.69
N ASP A 108 1.64 -2.97 0.59
CA ASP A 108 0.95 -2.03 1.43
C ASP A 108 -0.55 -2.17 1.28
N HIS A 109 -1.00 -2.29 0.03
CA HIS A 109 -2.41 -2.46 -0.24
C HIS A 109 -2.92 -3.83 0.18
N ASP A 110 -2.03 -4.86 0.26
CA ASP A 110 -2.42 -6.15 0.83
C ASP A 110 -2.73 -6.02 2.33
N LEU A 111 -1.96 -5.17 3.00
CA LEU A 111 -1.97 -5.11 4.45
C LEU A 111 -3.03 -4.21 5.04
N ASP A 112 -3.29 -3.03 4.49
CA ASP A 112 -4.21 -2.07 5.13
C ASP A 112 -4.97 -1.14 4.22
N PHE A 113 -6.16 -0.78 4.64
CA PHE A 113 -7.01 0.17 3.93
C PHE A 113 -8.04 0.72 4.91
N ALA A 114 -7.92 2.01 5.18
CA ALA A 114 -8.83 2.71 6.09
C ALA A 114 -9.58 3.72 5.23
N PRO A 115 -10.59 3.25 4.48
CA PRO A 115 -11.37 4.13 3.60
C PRO A 115 -12.25 5.16 4.32
N GLU A 116 -12.51 6.26 3.61
CA GLU A 116 -13.34 7.34 4.12
C GLU A 116 -14.69 6.82 4.56
N THR A 117 -15.32 7.53 5.50
CA THR A 117 -16.65 7.16 6.00
C THR A 117 -17.67 7.42 4.90
N GLU A 118 -18.73 6.63 4.86
CA GLU A 118 -19.74 6.85 3.84
C GLU A 118 -21.15 7.11 4.37
N LEU A 119 -21.39 8.40 4.44
CA LEU A 119 -22.76 8.91 4.61
C LEU A 119 -23.10 9.82 3.39
N GLY A 120 -22.42 9.55 2.27
CA GLY A 120 -22.55 10.35 1.04
C GLY A 120 -23.04 9.63 -0.22
N SER A 121 -24.10 8.82 -0.07
CA SER A 121 -24.82 8.21 -1.20
C SER A 121 -26.08 9.04 -1.47
N ASN A 122 -26.04 9.84 -2.59
CA ASN A 122 -27.15 10.73 -2.95
C ASN A 122 -27.11 11.77 -1.83
N GLU A 123 -26.04 12.55 -1.81
CA GLU A 123 -25.83 13.55 -0.77
C GLU A 123 -25.34 14.89 -1.32
N HIS A 124 -25.44 15.91 -0.48
CA HIS A 124 -24.99 17.27 -0.81
C HIS A 124 -23.70 17.47 -0.05
N SER A 125 -23.67 16.89 1.15
CA SER A 125 -22.53 16.99 2.05
C SER A 125 -21.22 16.59 1.38
N LYS A 126 -21.30 16.00 0.19
CA LYS A 126 -20.10 15.65 -0.53
C LYS A 126 -19.58 16.96 -1.08
N THR A 127 -20.50 17.76 -1.60
CA THR A 127 -20.18 19.06 -2.18
C THR A 127 -20.12 20.19 -1.16
N GLN A 128 -20.84 20.07 -0.04
CA GLN A 128 -20.78 21.13 0.97
C GLN A 128 -19.37 21.28 1.49
N CYS A 129 -18.62 20.18 1.43
CA CYS A 129 -17.23 20.18 1.87
C CYS A 129 -16.38 20.71 0.72
N GLU A 130 -16.71 20.30 -0.50
CA GLU A 130 -15.96 20.75 -1.65
C GLU A 130 -16.21 22.24 -1.91
N GLU A 131 -17.45 22.58 -2.24
CA GLU A 131 -17.84 23.95 -2.55
C GLU A 131 -17.53 25.04 -1.54
N TYR A 132 -17.96 24.88 -0.30
CA TYR A 132 -17.76 25.92 0.70
C TYR A 132 -16.72 25.74 1.81
N CYS A 133 -15.95 24.66 1.79
CA CYS A 133 -14.90 24.41 2.80
C CYS A 133 -15.34 24.55 4.25
N ILE A 134 -16.52 24.06 4.59
CA ILE A 134 -17.01 24.17 5.96
C ILE A 134 -16.80 22.92 6.80
N GLN A 135 -15.95 23.04 7.82
CA GLN A 135 -15.65 21.94 8.72
C GLN A 135 -16.86 21.56 9.58
N GLY A 136 -17.03 20.25 9.78
CA GLY A 136 -18.14 19.76 10.58
C GLY A 136 -18.43 18.29 10.29
N ASP A 137 -18.60 17.50 11.34
CA ASP A 137 -18.89 16.08 11.19
C ASP A 137 -17.70 15.41 10.50
N ASN A 138 -17.95 14.69 9.42
CA ASN A 138 -16.87 14.01 8.72
C ASN A 138 -16.06 14.84 7.73
N CYS A 139 -16.47 16.09 7.54
CA CYS A 139 -15.78 17.00 6.65
C CYS A 139 -14.72 17.73 7.49
N PHE A 140 -13.46 17.53 7.14
CA PHE A 140 -12.33 18.11 7.86
C PHE A 140 -11.36 18.67 6.82
N PRO A 141 -11.72 19.82 6.23
CA PRO A 141 -11.04 20.39 5.07
C PRO A 141 -9.61 20.78 5.38
N ILE A 142 -8.75 20.70 4.42
CA ILE A 142 -7.34 21.06 4.54
C ILE A 142 -7.26 22.48 3.99
N MET A 143 -7.24 23.45 4.89
CA MET A 143 -7.19 24.85 4.51
C MET A 143 -5.82 25.26 4.00
N PHE A 144 -5.80 26.18 3.04
CA PHE A 144 -4.54 26.70 2.50
C PHE A 144 -4.07 27.83 3.40
N PRO A 145 -2.75 28.00 3.56
CA PRO A 145 -2.22 29.06 4.40
C PRO A 145 -2.12 30.35 3.59
N LYS A 146 -1.84 31.46 4.26
CA LYS A 146 -1.74 32.76 3.62
C LYS A 146 -0.96 32.94 2.31
N ASN A 147 0.23 32.36 2.18
CA ASN A 147 1.03 32.56 0.95
C ASN A 147 0.99 31.41 -0.05
N ASP A 148 -0.14 30.72 -0.13
CA ASP A 148 -0.24 29.56 -1.02
C ASP A 148 -0.77 29.83 -2.41
N PRO A 149 -0.01 29.43 -3.43
CA PRO A 149 -0.43 29.62 -4.83
C PRO A 149 -1.76 28.99 -5.19
N LYS A 150 -2.10 27.86 -4.55
CA LYS A 150 -3.36 27.18 -4.84
C LYS A 150 -4.57 28.01 -4.41
N LEU A 151 -4.30 28.99 -3.57
CA LEU A 151 -5.33 29.90 -3.09
C LEU A 151 -5.85 30.66 -4.30
N LYS A 152 -4.92 31.12 -5.13
CA LYS A 152 -5.22 31.88 -6.33
C LYS A 152 -5.96 31.15 -7.44
N THR A 153 -5.74 29.84 -7.56
CA THR A 153 -6.40 29.08 -8.61
C THR A 153 -7.30 27.92 -8.18
N GLN A 154 -7.44 27.70 -6.88
CA GLN A 154 -8.26 26.58 -6.40
C GLN A 154 -9.24 26.80 -5.25
N GLY A 155 -9.40 28.03 -4.79
CA GLY A 155 -10.34 28.25 -3.70
C GLY A 155 -9.60 28.37 -2.37
N LYS A 156 -10.31 28.13 -1.27
CA LYS A 156 -9.73 28.25 0.07
C LYS A 156 -9.16 26.98 0.66
N CYS A 157 -9.64 25.83 0.20
CA CYS A 157 -9.17 24.58 0.76
C CYS A 157 -9.11 23.42 -0.22
N MET A 158 -8.73 22.28 0.36
CA MET A 158 -8.65 21.01 -0.31
C MET A 158 -9.56 20.14 0.55
N PRO A 159 -10.59 19.51 -0.07
CA PRO A 159 -11.52 18.67 0.69
C PRO A 159 -10.84 17.46 1.32
N PHE A 160 -11.43 16.98 2.41
CA PHE A 160 -10.90 15.85 3.15
C PHE A 160 -12.03 15.31 4.03
N PHE A 161 -12.25 14.05 4.09
CA PHE A 161 -13.33 13.46 4.82
C PHE A 161 -12.71 12.44 5.72
N ARG A 162 -13.08 12.48 6.98
CA ARG A 162 -12.54 11.58 8.00
C ARG A 162 -12.71 10.11 7.68
N ALA A 163 -11.74 9.31 8.12
CA ALA A 163 -11.73 7.87 7.91
C ALA A 163 -12.81 7.13 8.69
N GLY A 164 -13.30 6.01 8.08
CA GLY A 164 -14.31 5.10 8.66
C GLY A 164 -13.88 4.60 10.02
N PHE A 165 -14.87 4.37 10.89
CA PHE A 165 -14.66 3.83 12.25
C PHE A 165 -15.80 2.90 12.63
N VAL A 166 -15.51 1.98 13.55
CA VAL A 166 -16.31 0.75 13.74
C VAL A 166 -17.83 0.82 14.00
N CYS A 167 -18.20 0.82 15.28
CA CYS A 167 -19.56 0.51 15.71
C CYS A 167 -20.58 1.36 14.92
N PRO A 168 -20.54 2.70 15.08
CA PRO A 168 -21.40 3.52 14.23
C PRO A 168 -20.78 3.91 12.88
N THR A 169 -21.26 5.02 12.33
CA THR A 169 -20.68 5.69 11.15
C THR A 169 -20.85 7.23 11.16
N PRO A 170 -21.98 7.77 11.70
CA PRO A 170 -21.93 9.18 12.16
C PRO A 170 -21.64 9.44 13.68
N PRO A 171 -22.60 9.15 14.61
CA PRO A 171 -22.26 9.45 16.02
C PRO A 171 -21.92 8.27 16.98
N TYR A 172 -21.05 8.54 17.96
CA TYR A 172 -20.70 7.61 19.08
C TYR A 172 -19.67 8.26 20.04
N GLN A 173 -19.88 8.12 21.40
CA GLN A 173 -18.90 8.68 22.35
C GLN A 173 -18.83 8.15 23.80
N SER A 174 -17.90 7.21 24.02
CA SER A 174 -17.67 6.62 25.35
C SER A 174 -16.23 6.10 25.44
N LEU A 175 -15.73 5.59 24.32
CA LEU A 175 -14.38 5.05 24.21
C LEU A 175 -13.73 5.78 23.02
N ALA A 176 -12.40 5.76 22.96
CA ALA A 176 -11.66 6.44 21.89
C ALA A 176 -11.96 5.89 20.49
N ARG A 177 -12.17 6.79 19.52
CA ARG A 177 -12.46 6.39 18.15
C ARG A 177 -11.37 5.54 17.47
N GLU A 178 -11.78 4.36 16.97
CA GLU A 178 -10.86 3.45 16.33
C GLU A 178 -11.21 3.23 14.85
N GLN A 179 -10.30 3.60 13.95
CA GLN A 179 -10.51 3.43 12.51
C GLN A 179 -10.48 1.96 12.06
N ILE A 180 -11.24 1.68 11.00
CA ILE A 180 -11.38 0.33 10.45
C ILE A 180 -10.32 -0.03 9.40
N ASN A 181 -9.86 -1.28 9.43
CA ASN A 181 -8.95 -1.76 8.40
C ASN A 181 -9.88 -2.62 7.54
N ALA A 182 -10.10 -2.22 6.29
CA ALA A 182 -11.00 -2.96 5.40
C ALA A 182 -10.40 -4.15 4.65
N VAL A 183 -9.11 -4.43 4.87
CA VAL A 183 -8.47 -5.59 4.24
C VAL A 183 -7.88 -6.50 5.33
N THR A 184 -7.42 -7.68 4.94
CA THR A 184 -6.88 -8.61 5.94
C THR A 184 -5.46 -8.24 6.35
N SER A 185 -5.15 -8.36 7.63
CA SER A 185 -3.82 -8.02 8.09
C SER A 185 -2.75 -8.98 7.59
N PHE A 186 -3.16 -10.15 7.16
CA PHE A 186 -2.23 -11.15 6.64
C PHE A 186 -1.81 -10.82 5.23
N LEU A 187 -0.55 -11.12 4.95
CA LEU A 187 0.07 -10.98 3.66
C LEU A 187 -0.33 -12.21 2.87
N ASP A 188 -1.59 -12.08 2.36
CA ASP A 188 -2.28 -13.18 1.73
C ASP A 188 -2.79 -12.99 0.31
N ALA A 189 -2.31 -11.97 -0.40
CA ALA A 189 -2.76 -11.72 -1.76
C ALA A 189 -4.23 -11.28 -1.79
N SER A 190 -4.81 -10.74 -0.66
CA SER A 190 -6.15 -10.18 -0.62
C SER A 190 -6.32 -9.09 -1.65
N LEU A 191 -5.23 -8.56 -2.14
CA LEU A 191 -5.34 -7.53 -3.15
C LEU A 191 -5.66 -8.11 -4.55
N VAL A 192 -5.36 -9.39 -4.75
CA VAL A 192 -5.72 -10.07 -5.99
C VAL A 192 -7.08 -10.73 -5.87
N TYR A 193 -7.37 -11.31 -4.71
CA TYR A 193 -8.61 -12.08 -4.55
C TYR A 193 -9.69 -11.37 -3.76
N GLY A 194 -9.39 -10.31 -3.09
CA GLY A 194 -10.39 -9.58 -2.33
C GLY A 194 -10.42 -9.93 -0.86
N SER A 195 -11.09 -9.17 -0.06
CA SER A 195 -11.18 -9.38 1.38
C SER A 195 -12.65 -9.52 1.78
N GLU A 196 -13.50 -9.53 0.76
CA GLU A 196 -14.92 -9.80 0.96
C GLU A 196 -15.46 -10.88 0.05
N PRO A 197 -16.30 -11.76 0.60
CA PRO A 197 -16.85 -12.91 -0.14
C PRO A 197 -17.63 -12.47 -1.40
N SEP A 198 -18.32 -11.34 -1.27
CA SEP A 198 -18.99 -10.71 -2.40
CB SEP A 198 -19.75 -9.47 -1.94
OG SEP A 198 -20.43 -9.70 -0.71
C SEP A 198 -18.02 -10.34 -3.53
O SEP A 198 -18.36 -10.51 -4.70
P SEP A 198 -19.51 -9.22 0.52
O1P SEP A 198 -20.40 -8.37 1.55
O2P SEP A 198 -18.30 -8.32 -0.03
O3P SEP A 198 -18.92 -10.51 1.29
N LEU A 199 -16.83 -9.83 -3.19
CA LEU A 199 -15.92 -9.42 -4.22
C LEU A 199 -15.15 -10.64 -4.69
N ALA A 200 -14.75 -11.47 -3.74
CA ALA A 200 -13.95 -12.65 -4.02
C ALA A 200 -14.62 -13.48 -5.10
N SER A 201 -15.95 -13.70 -4.91
CA SER A 201 -16.77 -14.46 -5.86
C SER A 201 -16.92 -13.80 -7.21
N ARG A 202 -17.17 -12.49 -7.20
CA ARG A 202 -17.31 -11.75 -8.44
C ARG A 202 -16.04 -11.82 -9.28
N LEU A 203 -14.90 -11.82 -8.63
CA LEU A 203 -13.63 -11.84 -9.33
C LEU A 203 -13.39 -13.19 -10.00
N ARG A 204 -14.08 -14.23 -9.52
CA ARG A 204 -13.83 -15.58 -10.02
C ARG A 204 -14.57 -15.86 -11.32
N ASN A 205 -13.96 -16.71 -12.14
CA ASN A 205 -14.57 -17.20 -13.35
C ASN A 205 -15.31 -18.47 -12.97
N LEU A 206 -16.59 -18.28 -12.68
CA LEU A 206 -17.43 -19.38 -12.23
C LEU A 206 -18.27 -19.96 -13.38
N SER A 207 -17.82 -19.73 -14.62
CA SER A 207 -18.49 -20.25 -15.81
C SER A 207 -17.95 -21.62 -16.19
N SER A 208 -16.74 -21.96 -15.64
CA SER A 208 -16.09 -23.22 -15.94
C SER A 208 -15.38 -23.79 -14.71
N PRO A 209 -15.23 -25.13 -14.65
CA PRO A 209 -14.58 -25.82 -13.54
C PRO A 209 -13.06 -25.72 -13.53
N LEU A 210 -12.53 -24.59 -14.00
CA LEU A 210 -11.08 -24.42 -14.07
C LEU A 210 -10.48 -23.57 -12.96
N GLY A 211 -11.32 -23.11 -12.04
CA GLY A 211 -10.84 -22.32 -10.92
C GLY A 211 -10.02 -21.10 -11.33
N LEU A 212 -10.40 -20.49 -12.44
CA LEU A 212 -9.71 -19.31 -12.96
C LEU A 212 -10.35 -18.01 -12.45
N MET A 213 -9.58 -16.93 -12.52
CA MET A 213 -10.04 -15.62 -12.13
C MET A 213 -10.57 -15.00 -13.41
N ALA A 214 -11.71 -14.31 -13.34
CA ALA A 214 -12.29 -13.67 -14.52
C ALA A 214 -11.31 -12.69 -15.16
N VAL A 215 -11.30 -12.66 -16.49
CA VAL A 215 -10.41 -11.76 -17.22
C VAL A 215 -11.22 -10.86 -18.15
N ASN A 216 -10.58 -9.83 -18.70
CA ASN A 216 -11.28 -8.90 -19.58
C ASN A 216 -11.71 -9.56 -20.89
N GLN A 217 -13.00 -9.47 -21.19
CA GLN A 217 -13.52 -10.07 -22.40
C GLN A 217 -13.62 -9.07 -23.55
N GLU A 218 -13.25 -7.84 -23.28
CA GLU A 218 -13.32 -6.80 -24.30
C GLU A 218 -11.97 -6.33 -24.82
N ALA A 219 -10.90 -6.67 -24.13
CA ALA A 219 -9.58 -6.24 -24.56
C ALA A 219 -8.54 -7.27 -24.17
N TRP A 220 -7.58 -7.46 -25.06
CA TRP A 220 -6.51 -8.41 -24.82
C TRP A 220 -5.17 -7.76 -24.99
N ASP A 221 -4.19 -8.25 -24.24
CA ASP A 221 -2.84 -7.72 -24.33
C ASP A 221 -2.05 -8.69 -25.20
N HIS A 222 -2.30 -8.61 -26.51
CA HIS A 222 -1.64 -9.48 -27.48
C HIS A 222 -1.73 -10.91 -26.97
N GLY A 223 -2.95 -11.42 -26.79
CA GLY A 223 -3.09 -12.78 -26.31
C GLY A 223 -3.20 -12.91 -24.79
N LEU A 224 -2.42 -12.12 -24.06
CA LEU A 224 -2.45 -12.19 -22.60
C LEU A 224 -3.61 -11.42 -22.00
N ALA A 225 -4.04 -11.84 -20.81
CA ALA A 225 -5.17 -11.24 -20.12
C ALA A 225 -5.00 -9.86 -19.50
N TYR A 226 -6.13 -9.22 -19.30
CA TYR A 226 -6.23 -7.91 -18.67
C TYR A 226 -7.20 -8.11 -17.51
N LEU A 227 -7.13 -7.26 -16.50
CA LEU A 227 -8.06 -7.38 -15.39
C LEU A 227 -9.44 -6.94 -15.92
N PRO A 228 -10.52 -7.58 -15.46
CA PRO A 228 -11.86 -7.19 -15.95
C PRO A 228 -12.10 -5.71 -15.66
N PHE A 229 -13.12 -5.14 -16.30
CA PHE A 229 -13.45 -3.73 -16.07
C PHE A 229 -14.43 -3.63 -14.93
N ASN A 230 -14.44 -2.50 -14.25
CA ASN A 230 -15.38 -2.31 -13.16
C ASN A 230 -16.51 -1.48 -13.73
N ASN A 231 -17.57 -2.13 -14.17
CA ASN A 231 -18.70 -1.41 -14.72
C ASN A 231 -19.52 -0.81 -13.59
N LYS A 232 -19.23 0.35 -13.21
CA LYS A 232 -19.76 1.17 -12.11
C LYS A 232 -19.60 2.66 -12.49
N LYS A 233 -20.58 3.50 -12.21
CA LYS A 233 -20.46 4.91 -12.50
C LYS A 233 -20.61 5.73 -11.23
N PRO A 234 -20.01 6.87 -11.08
CA PRO A 234 -19.07 7.43 -12.07
C PRO A 234 -17.67 6.86 -11.92
N SER A 235 -17.04 6.53 -13.04
CA SER A 235 -15.69 5.96 -13.05
C SER A 235 -14.66 7.06 -13.24
N PRO A 236 -13.66 7.12 -12.36
CA PRO A 236 -12.65 8.16 -12.51
C PRO A 236 -11.68 7.92 -13.67
N CYS A 237 -11.57 6.67 -14.10
CA CYS A 237 -10.67 6.36 -15.21
C CYS A 237 -11.25 6.86 -16.52
N GLU A 238 -12.58 6.91 -16.60
CA GLU A 238 -13.26 7.42 -17.79
C GLU A 238 -13.21 8.95 -17.73
N PHE A 239 -13.33 9.50 -16.48
CA PHE A 239 -13.26 10.96 -16.29
C PHE A 239 -11.98 11.63 -16.83
N ILE A 240 -10.82 10.97 -16.71
CA ILE A 240 -9.58 11.62 -17.11
C ILE A 240 -9.38 11.64 -18.61
N ASN A 241 -10.19 10.86 -19.32
CA ASN A 241 -10.28 10.94 -20.77
C ASN A 241 -11.63 10.40 -21.22
N THR A 242 -12.54 11.32 -21.52
CA THR A 242 -13.92 10.96 -21.83
C THR A 242 -14.08 10.50 -23.29
N THR A 243 -12.98 10.61 -24.04
CA THR A 243 -12.96 10.15 -25.42
C THR A 243 -12.57 8.68 -25.43
N ALA A 244 -11.44 8.39 -24.80
CA ALA A 244 -11.01 6.99 -24.73
C ALA A 244 -12.08 6.12 -24.04
N ARG A 245 -12.72 6.71 -23.10
CA ARG A 245 -13.82 6.06 -22.39
C ARG A 245 -13.42 4.69 -21.85
N VAL A 246 -12.26 4.62 -21.22
CA VAL A 246 -11.80 3.37 -20.64
C VAL A 246 -11.98 3.32 -19.13
N PRO A 247 -12.80 2.38 -18.65
CA PRO A 247 -13.11 2.18 -17.22
C PRO A 247 -11.91 1.79 -16.38
N CYS A 248 -12.11 1.76 -15.07
CA CYS A 248 -11.08 1.35 -14.14
C CYS A 248 -11.15 -0.16 -14.08
N PHE A 249 -10.11 -0.80 -13.58
CA PHE A 249 -10.10 -2.25 -13.48
C PHE A 249 -10.77 -2.73 -12.20
N LEU A 250 -11.09 -4.02 -12.15
CA LEU A 250 -11.71 -4.61 -10.97
C LEU A 250 -10.69 -5.60 -10.41
N ALA A 251 -10.19 -5.31 -9.22
CA ALA A 251 -9.21 -6.16 -8.57
C ALA A 251 -9.65 -6.49 -7.15
N GLY A 252 -8.91 -7.36 -6.48
CA GLY A 252 -9.26 -7.73 -5.12
C GLY A 252 -9.25 -6.53 -4.20
N ASP A 253 -8.52 -5.50 -4.60
CA ASP A 253 -8.40 -4.27 -3.84
C ASP A 253 -8.94 -3.10 -4.66
N PHE A 254 -9.69 -2.25 -3.98
CA PHE A 254 -10.32 -1.05 -4.53
C PHE A 254 -9.40 -0.12 -5.36
N ARG A 255 -8.23 0.21 -4.79
CA ARG A 255 -7.26 1.15 -5.36
C ARG A 255 -6.40 0.74 -6.57
N ALA A 256 -6.60 -0.46 -7.09
CA ALA A 256 -5.80 -0.94 -8.20
C ALA A 256 -5.51 0.01 -9.36
N SER A 257 -6.48 0.80 -9.76
CA SER A 257 -6.31 1.70 -10.91
C SER A 257 -5.72 3.09 -10.60
N GLU A 258 -5.37 3.35 -9.36
CA GLU A 258 -4.92 4.66 -8.93
C GLU A 258 -3.78 5.25 -9.73
N GLN A 259 -2.87 4.42 -10.17
CA GLN A 259 -1.78 4.90 -11.02
C GLN A 259 -1.36 3.70 -11.85
N ILE A 260 -0.93 3.93 -13.01
CA ILE A 260 -0.81 2.96 -14.08
C ILE A 260 0.10 1.77 -13.76
N LEU A 261 1.15 2.02 -12.94
CA LEU A 261 2.08 0.93 -12.63
C LEU A 261 1.52 -0.05 -11.60
N LEU A 262 0.68 0.46 -10.71
CA LEU A 262 0.03 -0.41 -9.73
C LEU A 262 -0.90 -1.31 -10.55
N ALA A 263 -1.65 -0.70 -11.46
CA ALA A 263 -2.58 -1.44 -12.31
C ALA A 263 -1.79 -2.53 -13.04
N THR A 264 -0.60 -2.16 -13.47
CA THR A 264 0.29 -3.08 -14.17
C THR A 264 0.66 -4.27 -13.30
N ALA A 265 1.09 -3.99 -12.06
CA ALA A 265 1.48 -5.01 -11.12
C ALA A 265 0.30 -5.92 -10.81
N HIS A 266 -0.87 -5.32 -10.68
CA HIS A 266 -2.07 -6.10 -10.40
C HIS A 266 -2.33 -7.06 -11.58
N THR A 267 -2.02 -6.62 -12.80
CA THR A 267 -2.22 -7.43 -14.00
C THR A 267 -1.33 -8.67 -14.02
N LEU A 268 -0.08 -8.50 -13.64
CA LEU A 268 0.87 -9.61 -13.59
C LEU A 268 0.39 -10.68 -12.60
N LEU A 269 -0.08 -10.22 -11.43
CA LEU A 269 -0.55 -11.11 -10.38
C LEU A 269 -1.77 -11.89 -10.83
N LEU A 270 -2.69 -11.21 -11.50
CA LEU A 270 -3.88 -11.91 -11.96
C LEU A 270 -3.49 -12.97 -12.97
N ARG A 271 -2.55 -12.65 -13.87
CA ARG A 271 -2.12 -13.61 -14.89
C ARG A 271 -1.47 -14.83 -14.24
N GLU A 272 -0.59 -14.57 -13.28
CA GLU A 272 0.11 -15.65 -12.58
C GLU A 272 -0.84 -16.63 -11.92
N HIS A 273 -1.96 -16.12 -11.40
CA HIS A 273 -2.91 -17.00 -10.77
C HIS A 273 -3.45 -17.97 -11.82
N ASN A 274 -3.98 -17.41 -12.90
CA ASN A 274 -4.53 -18.20 -13.98
C ASN A 274 -3.52 -19.19 -14.55
N ARG A 275 -2.29 -18.73 -14.79
CA ARG A 275 -1.26 -19.63 -15.31
C ARG A 275 -1.12 -20.78 -14.34
N LEU A 276 -1.21 -20.48 -13.05
CA LEU A 276 -1.10 -21.49 -12.01
C LEU A 276 -2.29 -22.45 -11.99
N ALA A 277 -3.47 -21.96 -12.36
CA ALA A 277 -4.64 -22.82 -12.37
C ALA A 277 -4.55 -23.82 -13.52
N ARG A 278 -4.00 -23.36 -14.64
CA ARG A 278 -3.86 -24.22 -15.81
C ARG A 278 -2.81 -25.32 -15.67
N GLU A 279 -1.67 -25.01 -15.07
CA GLU A 279 -0.66 -26.05 -14.90
C GLU A 279 -1.12 -27.10 -13.88
N LEU A 280 -1.85 -26.64 -12.85
CA LEU A 280 -2.36 -27.54 -11.81
C LEU A 280 -3.43 -28.47 -12.39
N LYS A 281 -4.13 -27.99 -13.41
CA LYS A 281 -5.18 -28.79 -14.04
C LYS A 281 -4.48 -29.96 -14.74
N LYS A 282 -3.54 -29.63 -15.62
CA LYS A 282 -2.77 -30.62 -16.36
C LYS A 282 -2.31 -31.75 -15.43
N LEU A 283 -1.66 -31.38 -14.33
CA LEU A 283 -1.15 -32.34 -13.35
C LEU A 283 -2.23 -33.00 -12.52
N ASN A 284 -3.36 -32.32 -12.34
CA ASN A 284 -4.45 -32.88 -11.54
C ASN A 284 -5.82 -32.63 -12.19
N PRO A 285 -6.10 -33.35 -13.27
CA PRO A 285 -7.34 -33.26 -14.04
C PRO A 285 -8.59 -33.50 -13.20
N HIS A 286 -8.41 -34.21 -12.08
CA HIS A 286 -9.53 -34.53 -11.20
C HIS A 286 -9.91 -33.43 -10.22
N TRP A 287 -8.95 -32.60 -9.82
CA TRP A 287 -9.26 -31.52 -8.89
C TRP A 287 -10.39 -30.67 -9.45
N ASN A 288 -11.38 -30.36 -8.62
CA ASN A 288 -12.50 -29.55 -9.06
C ASN A 288 -12.10 -28.08 -9.19
N GLY A 289 -13.08 -27.22 -9.46
CA GLY A 289 -12.81 -25.80 -9.60
C GLY A 289 -12.24 -25.22 -8.32
N GLU A 290 -13.04 -25.20 -7.27
CA GLU A 290 -12.64 -24.66 -5.98
C GLU A 290 -11.20 -25.00 -5.64
N LYS A 291 -10.92 -26.30 -5.60
CA LYS A 291 -9.59 -26.82 -5.29
C LYS A 291 -8.52 -26.13 -6.13
N LEU A 292 -8.79 -25.98 -7.42
CA LEU A 292 -7.86 -25.32 -8.33
C LEU A 292 -7.67 -23.85 -7.95
N TYR A 293 -8.78 -23.16 -7.68
CA TYR A 293 -8.74 -21.76 -7.28
C TYR A 293 -7.91 -21.62 -6.00
N GLN A 294 -8.29 -22.36 -4.97
CA GLN A 294 -7.62 -22.33 -3.68
C GLN A 294 -6.15 -22.72 -3.74
N GLU A 295 -5.84 -23.79 -4.45
CA GLU A 295 -4.46 -24.22 -4.54
C GLU A 295 -3.61 -23.22 -5.30
N ALA A 296 -4.25 -22.46 -6.18
CA ALA A 296 -3.56 -21.43 -6.96
C ALA A 296 -3.39 -20.23 -6.05
N ARG A 297 -4.48 -19.74 -5.47
CA ARG A 297 -4.52 -18.73 -4.41
C ARG A 297 -3.40 -18.93 -3.38
N LYS A 298 -3.38 -20.12 -2.81
CA LYS A 298 -2.41 -20.47 -1.79
C LYS A 298 -0.98 -20.28 -2.29
N ILE A 299 -0.70 -20.72 -3.52
CA ILE A 299 0.63 -20.58 -4.10
C ILE A 299 1.02 -19.13 -4.32
N LEU A 300 0.10 -18.31 -4.83
CA LEU A 300 0.35 -16.90 -5.08
C LEU A 300 0.60 -16.15 -3.76
N GLY A 301 -0.10 -16.53 -2.70
CA GLY A 301 0.11 -15.88 -1.41
C GLY A 301 1.51 -16.14 -0.89
N ALA A 302 2.03 -17.34 -1.12
CA ALA A 302 3.36 -17.70 -0.69
C ALA A 302 4.35 -16.84 -1.48
N PHE A 303 4.10 -16.74 -2.78
CA PHE A 303 4.95 -15.97 -3.68
C PHE A 303 5.11 -14.55 -3.15
N ILE A 304 3.98 -13.92 -2.84
CA ILE A 304 4.03 -12.55 -2.33
C ILE A 304 4.81 -12.49 -1.03
N GLN A 305 4.65 -13.52 -0.19
CA GLN A 305 5.35 -13.56 1.09
C GLN A 305 6.85 -13.75 0.94
N ILE A 306 7.27 -14.54 -0.03
CA ILE A 306 8.69 -14.78 -0.21
C ILE A 306 9.38 -13.54 -0.77
N ILE A 307 8.83 -12.98 -1.85
CA ILE A 307 9.45 -11.81 -2.44
C ILE A 307 9.53 -10.67 -1.42
N THR A 308 8.46 -10.46 -0.65
CA THR A 308 8.44 -9.39 0.36
C THR A 308 9.49 -9.58 1.46
N PHE A 309 9.51 -10.77 2.07
CA PHE A 309 10.46 -11.02 3.15
C PHE A 309 11.88 -11.40 2.81
N ARG A 310 12.10 -12.00 1.64
CA ARG A 310 13.45 -12.39 1.23
C ARG A 310 14.13 -11.31 0.40
N ASP A 311 13.36 -10.66 -0.47
CA ASP A 311 13.94 -9.65 -1.34
C ASP A 311 13.67 -8.19 -0.96
N TYR A 312 12.43 -7.90 -0.59
CA TYR A 312 12.03 -6.52 -0.28
C TYR A 312 12.43 -5.93 1.06
N LEU A 313 11.98 -6.54 2.15
CA LEU A 313 12.29 -6.03 3.50
C LEU A 313 13.79 -5.84 3.82
N PRO A 314 14.66 -6.77 3.36
CA PRO A 314 16.07 -6.57 3.68
C PRO A 314 16.64 -5.27 3.11
N ILE A 315 16.11 -4.83 1.97
CA ILE A 315 16.64 -3.60 1.40
C ILE A 315 15.88 -2.35 1.83
N VAL A 316 14.84 -2.53 2.63
CA VAL A 316 14.10 -1.40 3.19
C VAL A 316 14.74 -1.15 4.55
N LEU A 317 14.92 -2.23 5.31
CA LEU A 317 15.47 -2.17 6.66
C LEU A 317 17.00 -2.23 6.79
N GLY A 318 17.64 -2.82 5.78
CA GLY A 318 19.08 -2.92 5.81
C GLY A 318 19.65 -3.55 7.06
N SER A 319 20.49 -2.78 7.77
CA SER A 319 21.15 -3.25 8.98
C SER A 319 20.17 -3.58 10.10
N GLU A 320 19.00 -2.92 10.07
CA GLU A 320 18.00 -3.15 11.11
C GLU A 320 17.16 -4.41 10.90
N MET A 321 17.25 -5.00 9.71
CA MET A 321 16.47 -6.20 9.39
C MET A 321 16.55 -7.27 10.47
N GLN A 322 17.76 -7.64 10.87
CA GLN A 322 17.97 -8.67 11.88
C GLN A 322 17.45 -8.32 13.27
N LYS A 323 17.69 -7.07 13.71
CA LYS A 323 17.23 -6.64 15.02
C LYS A 323 15.73 -6.85 15.20
N TRP A 324 14.97 -6.71 14.12
CA TRP A 324 13.51 -6.85 14.21
C TRP A 324 12.90 -8.12 13.62
N ILE A 325 13.55 -8.66 12.59
CA ILE A 325 13.02 -9.84 11.95
C ILE A 325 14.04 -10.97 11.84
N PRO A 326 14.31 -11.66 12.96
CA PRO A 326 15.26 -12.76 12.99
C PRO A 326 14.64 -13.94 12.25
N PRO A 327 15.48 -14.89 11.80
CA PRO A 327 15.00 -16.07 11.07
C PRO A 327 13.71 -16.66 11.64
N TYR A 328 12.87 -17.19 10.76
CA TYR A 328 11.59 -17.78 11.15
C TYR A 328 11.80 -18.91 12.16
N GLN A 329 10.95 -18.93 13.20
CA GLN A 329 11.01 -19.96 14.23
C GLN A 329 9.71 -20.76 14.23
N GLY A 330 8.77 -20.36 13.39
CA GLY A 330 7.45 -21.02 13.38
C GLY A 330 6.29 -20.19 13.90
N TYR A 331 5.10 -20.70 13.70
CA TYR A 331 3.86 -20.01 14.06
C TYR A 331 3.72 -19.89 15.57
N ASN A 332 3.62 -18.64 16.04
CA ASN A 332 3.37 -18.35 17.44
C ASN A 332 1.96 -17.78 17.61
N ASN A 333 1.06 -18.64 18.08
CA ASN A 333 -0.33 -18.29 18.18
C ASN A 333 -0.60 -17.26 19.24
N SER A 334 0.45 -16.76 19.88
CA SER A 334 0.29 -15.75 20.94
C SER A 334 0.50 -14.32 20.40
N VAL A 335 1.04 -14.25 19.16
CA VAL A 335 1.31 -12.96 18.53
C VAL A 335 0.11 -12.27 17.87
N ASP A 336 0.03 -10.96 18.07
CA ASP A 336 -1.03 -10.14 17.49
C ASP A 336 -0.62 -9.92 16.03
N PRO A 337 -1.43 -10.43 15.11
CA PRO A 337 -1.12 -10.33 13.68
C PRO A 337 -1.83 -9.14 13.02
N ARG A 338 -2.57 -8.38 13.81
CA ARG A 338 -3.29 -7.22 13.29
C ARG A 338 -2.33 -6.13 12.84
N ILE A 339 -2.76 -5.32 11.86
CA ILE A 339 -1.93 -4.22 11.40
C ILE A 339 -2.27 -3.07 12.36
N SER A 340 -1.24 -2.39 12.86
CA SER A 340 -1.45 -1.28 13.79
C SER A 340 -1.83 -0.02 13.03
N ASN A 341 -2.50 0.92 13.71
CA ASN A 341 -2.91 2.17 13.07
C ASN A 341 -1.66 2.91 12.60
N VAL A 342 -0.67 3.05 13.48
CA VAL A 342 0.56 3.76 13.13
C VAL A 342 1.30 3.18 11.92
N PHE A 343 1.26 1.87 11.74
CA PHE A 343 1.91 1.22 10.61
C PHE A 343 1.38 1.81 9.30
N THR A 344 0.07 2.00 9.21
CA THR A 344 -0.53 2.55 7.99
C THR A 344 0.02 3.94 7.66
N PHE A 345 0.69 4.59 8.60
CA PHE A 345 1.28 5.90 8.33
C PHE A 345 2.77 5.73 8.12
N ALA A 346 3.36 4.86 8.91
CA ALA A 346 4.78 4.59 8.81
C ALA A 346 5.13 4.00 7.44
N PHE A 347 4.19 3.26 6.84
CA PHE A 347 4.43 2.64 5.52
C PHE A 347 4.33 3.68 4.41
N ARG A 348 3.87 4.88 4.74
CA ARG A 348 3.73 5.93 3.73
C ARG A 348 5.07 6.54 3.34
N PHE A 349 6.16 5.98 3.86
CA PHE A 349 7.49 6.49 3.54
C PHE A 349 7.69 6.29 2.05
N GLY A 350 7.01 5.26 1.54
CA GLY A 350 7.09 4.93 0.13
C GLY A 350 6.72 6.08 -0.77
N HIS A 351 6.01 7.05 -0.21
CA HIS A 351 5.58 8.22 -0.96
C HIS A 351 6.75 9.07 -1.44
N MET A 352 7.86 9.05 -0.71
CA MET A 352 9.03 9.83 -1.10
C MET A 352 9.90 9.06 -2.10
N GLU A 353 9.42 7.92 -2.55
CA GLU A 353 10.21 7.11 -3.47
C GLU A 353 9.60 7.14 -4.86
N VAL A 354 8.51 7.86 -5.00
CA VAL A 354 7.82 7.97 -6.27
C VAL A 354 8.47 9.06 -7.10
N PRO A 355 8.89 8.73 -8.33
CA PRO A 355 9.52 9.69 -9.22
C PRO A 355 8.49 10.49 -10.02
N SER A 356 8.91 11.59 -10.64
CA SER A 356 8.00 12.45 -11.39
C SER A 356 7.60 11.97 -12.79
N THR A 357 8.27 10.96 -13.33
CA THR A 357 7.94 10.46 -14.67
C THR A 357 7.87 8.94 -14.74
N VAL A 358 7.23 8.44 -15.79
CA VAL A 358 7.10 7.01 -16.02
C VAL A 358 7.38 6.79 -17.51
N SER A 359 8.11 5.72 -17.84
CA SER A 359 8.46 5.45 -19.22
C SER A 359 7.98 4.11 -19.79
N ARG A 360 7.93 4.06 -21.12
CA ARG A 360 7.56 2.85 -21.83
C ARG A 360 8.79 2.52 -22.67
N LEU A 361 9.27 1.28 -22.58
CA LEU A 361 10.45 0.87 -23.33
C LEU A 361 10.16 -0.29 -24.28
N ASP A 362 10.82 -0.19 -25.42
CA ASP A 362 10.66 -1.29 -26.38
C ASP A 362 11.57 -2.49 -26.07
N GLU A 363 11.52 -3.57 -26.98
CA GLU A 363 12.34 -4.77 -26.80
C GLU A 363 13.85 -4.56 -26.62
N ASN A 364 14.37 -3.38 -26.95
CA ASN A 364 15.78 -3.12 -26.77
C ASN A 364 15.95 -2.18 -25.58
N TYR A 365 14.85 -1.99 -24.85
CA TYR A 365 14.83 -1.13 -23.67
C TYR A 365 15.16 0.32 -24.04
N GLN A 366 14.61 0.76 -25.16
CA GLN A 366 14.79 2.12 -25.66
C GLN A 366 13.40 2.75 -25.78
N PRO A 367 13.31 4.08 -25.71
CA PRO A 367 12.05 4.82 -25.81
C PRO A 367 11.01 4.23 -26.77
N TRP A 368 9.89 3.80 -26.19
CA TRP A 368 8.80 3.22 -26.97
C TRP A 368 7.90 4.35 -27.45
N GLY A 369 8.01 4.69 -28.72
CA GLY A 369 7.18 5.76 -29.23
C GLY A 369 7.78 7.12 -28.98
N PRO A 370 7.18 8.17 -29.52
CA PRO A 370 7.64 9.54 -29.40
C PRO A 370 7.29 10.21 -28.05
N GLU A 371 6.31 9.67 -27.28
CA GLU A 371 5.97 10.11 -25.92
C GLU A 371 6.15 8.93 -24.98
N ALA A 372 7.36 8.38 -24.96
CA ALA A 372 7.65 7.24 -24.12
C ALA A 372 7.65 7.61 -22.64
N GLU A 373 8.11 8.82 -22.33
CA GLU A 373 8.17 9.30 -20.96
C GLU A 373 7.00 10.24 -20.67
N LEU A 374 6.26 9.93 -19.61
CA LEU A 374 5.10 10.73 -19.26
C LEU A 374 5.18 11.22 -17.81
N PRO A 375 4.64 12.42 -17.55
CA PRO A 375 4.64 12.99 -16.20
C PRO A 375 3.73 12.13 -15.32
N LEU A 376 4.14 11.91 -14.08
CA LEU A 376 3.36 11.06 -13.19
C LEU A 376 1.89 11.44 -13.03
N HIS A 377 1.55 12.72 -12.98
CA HIS A 377 0.15 13.11 -12.79
C HIS A 377 -0.80 12.76 -13.94
N THR A 378 -0.28 12.53 -15.15
CA THR A 378 -1.17 12.16 -16.24
C THR A 378 -1.51 10.68 -16.20
N LEU A 379 -1.08 9.99 -15.15
CA LEU A 379 -1.32 8.57 -15.04
C LEU A 379 -2.16 8.15 -13.82
N PHE A 380 -2.71 9.10 -13.10
CA PHE A 380 -3.56 8.74 -11.97
C PHE A 380 -4.87 8.24 -12.61
N PHE A 381 -5.32 7.05 -12.20
CA PHE A 381 -6.54 6.43 -12.74
C PHE A 381 -6.55 6.37 -14.26
N ASN A 382 -5.39 6.08 -14.85
CA ASN A 382 -5.25 6.01 -16.30
C ASN A 382 -5.13 4.56 -16.73
N THR A 383 -6.21 4.01 -17.26
CA THR A 383 -6.20 2.63 -17.74
C THR A 383 -6.13 2.57 -19.26
N TRP A 384 -6.41 3.69 -19.92
CA TRP A 384 -6.40 3.75 -21.38
C TRP A 384 -5.00 3.76 -21.95
N ARG A 385 -4.04 4.29 -21.18
CA ARG A 385 -2.66 4.32 -21.63
C ARG A 385 -2.11 2.89 -21.71
N ILE A 386 -2.90 1.94 -21.06
CA ILE A 386 -2.51 0.55 -21.13
C ILE A 386 -3.32 -0.13 -22.21
N ILE A 387 -4.58 0.23 -22.28
CA ILE A 387 -5.46 -0.48 -23.15
C ILE A 387 -5.29 0.04 -24.55
N LYS A 388 -5.38 1.35 -24.73
CA LYS A 388 -5.24 1.95 -26.05
C LYS A 388 -3.85 2.48 -26.37
N ASP A 389 -2.79 1.93 -25.76
CA ASP A 389 -1.44 2.45 -26.05
C ASP A 389 -0.25 1.55 -25.66
N GLY A 390 -0.38 0.22 -25.77
CA GLY A 390 0.75 -0.74 -25.71
C GLY A 390 0.76 -1.92 -24.72
N GLY A 391 -0.37 -2.22 -24.10
CA GLY A 391 -0.34 -3.23 -23.02
C GLY A 391 0.69 -2.94 -21.91
N ILE A 392 0.95 -3.90 -21.08
CA ILE A 392 1.81 -3.64 -19.93
C ILE A 392 3.29 -3.96 -20.08
N ASP A 393 3.68 -4.67 -21.13
CA ASP A 393 5.09 -5.01 -21.34
C ASP A 393 6.02 -3.79 -21.35
N PRO A 394 5.64 -2.72 -22.08
CA PRO A 394 6.47 -1.52 -22.13
C PRO A 394 6.65 -0.91 -20.74
N LEU A 395 5.61 -1.01 -19.91
CA LEU A 395 5.65 -0.46 -18.56
C LEU A 395 6.45 -1.34 -17.64
N VAL A 396 6.30 -2.66 -17.78
CA VAL A 396 7.05 -3.59 -16.96
C VAL A 396 8.55 -3.41 -17.25
N ARG A 397 8.92 -3.08 -18.51
CA ARG A 397 10.31 -2.75 -18.80
C ARG A 397 10.75 -1.48 -18.04
N GLY A 398 9.90 -0.48 -18.03
CA GLY A 398 10.26 0.73 -17.31
C GLY A 398 10.50 0.42 -15.83
N LEU A 399 9.64 -0.41 -15.25
CA LEU A 399 9.76 -0.82 -13.84
C LEU A 399 11.11 -1.47 -13.54
N LEU A 400 11.67 -2.17 -14.53
CA LEU A 400 12.94 -2.85 -14.37
C LEU A 400 14.16 -1.96 -14.64
N ALA A 401 14.09 -1.19 -15.71
CA ALA A 401 15.19 -0.33 -16.11
C ALA A 401 15.23 1.03 -15.44
N LYS A 402 14.11 1.52 -14.92
CA LYS A 402 14.12 2.83 -14.28
C LYS A 402 14.37 2.77 -12.78
N LYS A 403 14.70 3.93 -12.21
CA LYS A 403 14.99 4.03 -10.79
C LYS A 403 13.87 4.68 -9.97
N SER A 404 13.81 4.34 -8.68
CA SER A 404 12.82 4.93 -7.80
C SER A 404 13.44 6.25 -7.43
N LYS A 405 12.68 7.10 -6.74
CA LYS A 405 13.21 8.37 -6.28
C LYS A 405 13.83 8.03 -4.92
N LEU A 406 15.03 8.52 -4.67
CA LEU A 406 15.68 8.28 -3.39
C LEU A 406 15.08 9.31 -2.44
N MET A 407 14.74 8.93 -1.22
CA MET A 407 14.20 9.92 -0.31
C MET A 407 15.35 10.88 -0.04
N ASN A 408 15.04 12.16 0.12
CA ASN A 408 16.03 13.20 0.32
C ASN A 408 15.42 14.27 1.23
N GLN A 409 16.12 14.65 2.28
CA GLN A 409 15.61 15.65 3.25
C GLN A 409 15.26 17.02 2.68
N ASP A 410 15.85 17.39 1.55
CA ASP A 410 15.57 18.68 0.94
C ASP A 410 14.62 18.52 -0.25
N LYS A 411 14.39 17.27 -0.65
CA LYS A 411 13.50 16.94 -1.76
C LYS A 411 12.69 15.69 -1.36
N MET A 412 11.62 15.90 -0.59
CA MET A 412 10.85 14.78 -0.11
C MET A 412 9.79 14.16 -1.02
N VAL A 413 8.79 14.95 -1.39
CA VAL A 413 7.73 14.46 -2.26
C VAL A 413 7.60 15.27 -3.53
N THR A 414 7.69 14.58 -4.67
CA THR A 414 7.58 15.24 -5.97
C THR A 414 6.26 15.96 -6.14
N SER A 415 6.30 17.09 -6.85
CA SER A 415 5.09 17.88 -7.03
C SER A 415 4.00 17.16 -7.80
N GLU A 416 4.37 16.09 -8.49
CA GLU A 416 3.38 15.31 -9.25
C GLU A 416 2.35 14.79 -8.25
N LEU A 417 2.82 14.49 -7.03
CA LEU A 417 1.95 13.98 -5.96
C LEU A 417 1.55 15.09 -5.00
N ARG A 418 2.50 15.97 -4.71
CA ARG A 418 2.27 17.06 -3.76
C ARG A 418 1.37 18.20 -4.24
N ASN A 419 1.34 18.46 -5.55
CA ASN A 419 0.49 19.53 -6.09
C ASN A 419 -0.47 19.07 -7.18
N LYS A 420 -0.21 17.91 -7.77
CA LYS A 420 -1.06 17.45 -8.86
C LYS A 420 -1.78 16.12 -8.69
N LEU A 421 -2.04 15.71 -7.46
CA LEU A 421 -2.74 14.45 -7.23
C LEU A 421 -4.22 14.57 -7.63
N PHE A 422 -4.74 13.51 -8.22
CA PHE A 422 -6.14 13.48 -8.62
C PHE A 422 -6.89 12.55 -7.65
N GLN A 423 -8.07 12.98 -7.22
CA GLN A 423 -8.91 12.20 -6.32
C GLN A 423 -10.28 11.99 -6.94
N PRO A 424 -10.77 10.74 -6.92
CA PRO A 424 -12.10 10.49 -7.51
C PRO A 424 -13.24 11.43 -6.99
N THR A 425 -14.12 11.83 -7.92
CA THR A 425 -15.28 12.73 -7.70
C THR A 425 -14.89 14.18 -7.52
N HIS A 426 -13.61 14.41 -7.28
CA HIS A 426 -13.07 15.75 -7.30
C HIS A 426 -12.55 15.80 -8.74
N LYS A 427 -12.48 16.97 -9.25
CA LYS A 427 -12.30 17.15 -10.69
C LYS A 427 -10.94 17.69 -11.14
N ILE A 428 -10.08 18.08 -10.20
CA ILE A 428 -8.79 18.63 -10.58
C ILE A 428 -7.56 17.87 -10.19
N HIS A 429 -6.55 17.95 -11.05
CA HIS A 429 -5.26 17.34 -10.77
C HIS A 429 -4.59 18.42 -9.94
N GLY A 430 -5.15 18.68 -8.76
CA GLY A 430 -4.60 19.71 -7.90
C GLY A 430 -4.50 19.39 -6.43
N PHE A 431 -4.49 18.11 -6.06
CA PHE A 431 -4.38 17.74 -4.64
C PHE A 431 -2.96 17.53 -4.15
N ASP A 432 -2.82 17.43 -2.82
CA ASP A 432 -1.53 17.25 -2.15
C ASP A 432 -1.44 16.01 -1.25
N LEU A 433 -0.78 14.96 -1.71
CA LEU A 433 -0.67 13.72 -0.91
C LEU A 433 0.02 13.92 0.44
N ALA A 434 1.00 14.83 0.50
CA ALA A 434 1.72 15.11 1.75
C ALA A 434 0.79 15.73 2.78
N ALA A 435 0.01 16.73 2.36
CA ALA A 435 -0.93 17.39 3.25
C ALA A 435 -1.96 16.38 3.74
N ILE A 436 -2.44 15.54 2.84
CA ILE A 436 -3.42 14.53 3.19
C ILE A 436 -2.85 13.55 4.20
N ASN A 437 -1.59 13.15 4.04
CA ASN A 437 -0.98 12.22 4.99
C ASN A 437 -1.01 12.85 6.40
N LEU A 438 -0.70 14.13 6.48
CA LEU A 438 -0.67 14.83 7.76
C LEU A 438 -2.04 14.94 8.38
N GLN A 439 -3.01 15.41 7.61
CA GLN A 439 -4.37 15.53 8.11
C GLN A 439 -4.87 14.17 8.60
N ARG A 440 -4.59 13.13 7.80
CA ARG A 440 -4.99 11.77 8.11
C ARG A 440 -4.41 11.26 9.43
N CYS A 441 -3.17 11.63 9.68
CA CYS A 441 -2.46 11.22 10.88
C CYS A 441 -3.17 11.78 12.10
N ARG A 442 -3.68 13.01 11.96
CA ARG A 442 -4.44 13.62 13.03
C ARG A 442 -5.84 13.04 13.12
N ASP A 443 -6.40 12.71 11.96
CA ASP A 443 -7.72 12.13 11.90
C ASP A 443 -7.73 10.79 12.67
N HIS A 444 -6.60 10.09 12.61
CA HIS A 444 -6.47 8.79 13.30
C HIS A 444 -6.05 8.88 14.76
N GLY A 445 -5.93 10.09 15.29
CA GLY A 445 -5.52 10.25 16.67
C GLY A 445 -4.11 9.73 16.95
N MET A 446 -3.19 10.01 16.05
CA MET A 446 -1.81 9.56 16.21
C MET A 446 -1.00 10.31 17.27
N PRO A 447 -0.21 9.59 18.07
CA PRO A 447 0.62 10.22 19.10
C PRO A 447 1.73 10.99 18.39
N GLY A 448 2.33 11.97 19.07
CA GLY A 448 3.40 12.75 18.46
C GLY A 448 4.66 11.95 18.13
N TYR A 449 5.64 12.64 17.53
CA TYR A 449 6.91 12.04 17.13
C TYR A 449 7.67 11.41 18.29
N ASN A 450 7.75 12.13 19.42
CA ASN A 450 8.47 11.63 20.59
C ASN A 450 7.85 10.44 21.33
N SER A 451 6.53 10.34 21.29
CA SER A 451 5.87 9.22 21.95
C SER A 451 6.32 7.94 21.28
N TRP A 452 6.48 8.03 19.95
CA TRP A 452 6.92 6.91 19.13
C TRP A 452 8.43 6.66 19.26
N ARG A 453 9.22 7.71 19.45
CA ARG A 453 10.67 7.55 19.67
C ARG A 453 10.78 6.79 20.98
N GLY A 454 9.99 7.22 21.96
CA GLY A 454 9.97 6.57 23.26
C GLY A 454 9.53 5.12 23.12
N PHE A 455 8.49 4.88 22.31
CA PHE A 455 7.98 3.53 22.09
C PHE A 455 9.08 2.61 21.54
N CYS A 456 9.91 3.16 20.67
CA CYS A 456 10.98 2.40 20.02
C CYS A 456 12.32 2.39 20.77
N GLY A 457 12.33 2.98 21.97
CA GLY A 457 13.56 3.00 22.76
C GLY A 457 14.62 3.93 22.25
N LEU A 458 14.20 5.06 21.66
CA LEU A 458 15.14 6.04 21.13
C LEU A 458 14.96 7.37 21.86
N SER A 459 15.98 8.21 21.79
CA SER A 459 15.94 9.51 22.47
C SER A 459 14.81 10.41 22.01
N GLN A 460 14.36 11.28 22.91
CA GLN A 460 13.28 12.20 22.62
C GLN A 460 13.79 13.62 22.68
N PRO A 461 14.23 14.16 21.53
CA PRO A 461 14.74 15.54 21.52
C PRO A 461 13.69 16.51 21.99
N LYS A 462 14.11 17.53 22.73
CA LYS A 462 13.19 18.54 23.27
C LYS A 462 13.56 19.95 22.85
N THR A 463 14.71 20.10 22.20
CA THR A 463 15.17 21.41 21.77
C THR A 463 15.58 21.39 20.31
N LEU A 464 15.72 22.62 19.73
CA LEU A 464 16.29 22.78 18.41
C LEU A 464 17.53 21.91 18.37
N LYS A 465 18.53 22.28 19.13
CA LYS A 465 19.80 21.60 19.11
C LYS A 465 19.55 20.09 19.29
N GLY A 466 18.47 19.77 19.96
CA GLY A 466 18.15 18.37 20.18
C GLY A 466 17.79 17.68 18.89
N LEU A 467 16.85 18.30 18.17
CA LEU A 467 16.34 17.78 16.91
C LEU A 467 17.38 17.71 15.80
N GLN A 468 18.30 18.74 15.72
CA GLN A 468 19.34 18.79 14.71
C GLN A 468 20.19 17.56 14.79
N THR A 469 20.56 17.23 16.02
CA THR A 469 21.40 16.06 16.28
C THR A 469 20.75 14.76 15.83
N VAL A 470 19.44 14.65 16.01
CA VAL A 470 18.72 13.44 15.61
C VAL A 470 18.50 13.43 14.10
N LEU A 471 18.02 14.54 13.56
CA LEU A 471 17.79 14.61 12.13
C LEU A 471 19.08 14.77 11.35
N LYS A 472 20.16 15.13 12.05
CA LYS A 472 21.45 15.35 11.41
C LYS A 472 21.24 16.40 10.31
N ASN A 473 20.50 17.46 10.63
CA ASN A 473 20.20 18.51 9.67
C ASN A 473 19.67 19.75 10.40
N LYS A 474 20.48 20.81 10.45
CA LYS A 474 20.08 22.04 11.13
C LYS A 474 18.86 22.70 10.51
N ILE A 475 18.95 23.00 9.22
CA ILE A 475 17.88 23.69 8.50
C ILE A 475 16.50 23.04 8.55
N LEU A 476 16.47 21.71 8.48
CA LEU A 476 15.19 20.99 8.52
C LEU A 476 14.65 21.08 9.95
N ALA A 477 15.53 20.89 10.92
CA ALA A 477 15.15 20.95 12.34
C ALA A 477 14.56 22.31 12.68
N LYS A 478 15.18 23.37 12.16
CA LYS A 478 14.72 24.73 12.41
C LYS A 478 13.34 24.96 11.82
N LYS A 479 13.16 24.53 10.57
CA LYS A 479 11.86 24.67 9.88
C LYS A 479 10.77 23.96 10.66
N LEU A 480 11.10 22.75 11.15
CA LEU A 480 10.16 21.96 11.95
C LEU A 480 9.87 22.59 13.31
N MET A 481 10.89 23.13 13.97
CA MET A 481 10.67 23.78 15.26
C MET A 481 9.82 25.03 15.04
N ASP A 482 10.13 25.80 14.00
CA ASP A 482 9.37 27.03 13.70
C ASP A 482 7.89 26.70 13.50
N LEU A 483 7.61 25.54 12.92
CA LEU A 483 6.24 25.11 12.65
C LEU A 483 5.55 24.42 13.83
N TYR A 484 6.35 23.58 14.52
CA TYR A 484 5.75 22.75 15.55
C TYR A 484 5.95 23.31 16.95
N LYS A 485 7.05 24.04 17.16
CA LYS A 485 7.44 24.65 18.45
C LYS A 485 7.73 23.64 19.55
N THR A 486 7.54 22.36 19.25
CA THR A 486 8.07 21.31 20.13
C THR A 486 8.15 20.00 19.28
N PRO A 487 9.25 19.27 19.40
CA PRO A 487 9.33 17.98 18.72
C PRO A 487 8.21 17.03 19.20
N ASP A 488 7.56 17.37 20.32
CA ASP A 488 6.47 16.55 20.86
C ASP A 488 5.25 16.59 19.97
N ASN A 489 5.13 17.64 19.16
CA ASN A 489 3.98 17.82 18.27
C ASN A 489 4.17 17.41 16.81
N ILE A 490 5.41 17.17 16.41
CA ILE A 490 5.69 16.78 15.03
C ILE A 490 4.92 15.52 14.66
N ASP A 491 4.07 15.61 13.65
CA ASP A 491 3.29 14.46 13.22
C ASP A 491 4.22 13.29 12.84
N ILE A 492 3.94 12.10 13.37
CA ILE A 492 4.78 10.93 13.11
C ILE A 492 5.13 10.68 11.63
N TRP A 493 4.22 10.96 10.70
CA TRP A 493 4.54 10.73 9.29
C TRP A 493 5.77 11.49 8.83
N ILE A 494 5.78 12.80 9.07
CA ILE A 494 6.89 13.66 8.66
C ILE A 494 8.12 13.52 9.55
N GLY A 495 7.91 13.35 10.86
CA GLY A 495 9.03 13.20 11.76
C GLY A 495 9.78 11.90 11.47
N GLY A 496 9.03 10.84 11.22
CA GLY A 496 9.65 9.57 10.93
C GLY A 496 10.43 9.58 9.63
N ASN A 497 9.89 10.25 8.62
CA ASN A 497 10.54 10.29 7.31
C ASN A 497 11.67 11.31 7.21
N ALA A 498 11.83 12.15 8.23
CA ALA A 498 12.89 13.15 8.20
C ALA A 498 14.21 12.60 8.72
N GLU A 499 14.17 11.45 9.38
CA GLU A 499 15.38 10.86 9.93
C GLU A 499 16.25 10.30 8.82
N PRO A 500 17.59 10.42 8.97
CA PRO A 500 18.49 9.90 7.95
C PRO A 500 18.32 8.39 7.86
N MET A 501 18.62 7.82 6.70
CA MET A 501 18.48 6.38 6.49
C MET A 501 19.52 5.50 7.16
N VAL A 502 19.08 4.44 7.80
CA VAL A 502 19.98 3.49 8.45
C VAL A 502 20.89 2.88 7.39
N GLU A 503 22.06 2.44 7.81
CA GLU A 503 22.99 1.84 6.88
C GLU A 503 22.26 0.75 6.08
N ARG A 504 22.53 0.69 4.78
CA ARG A 504 21.95 -0.30 3.89
C ARG A 504 20.44 -0.33 3.67
N GLY A 505 19.71 0.53 4.37
CA GLY A 505 18.27 0.56 4.21
C GLY A 505 17.74 1.82 3.54
N ARG A 506 16.42 2.06 3.55
CA ARG A 506 15.81 3.20 2.92
C ARG A 506 14.82 3.89 3.83
N VAL A 507 14.94 3.70 5.19
CA VAL A 507 14.16 4.43 6.19
C VAL A 507 15.01 4.71 7.43
N GLY A 508 14.59 5.65 8.25
CA GLY A 508 15.34 5.97 9.45
C GLY A 508 15.16 4.95 10.56
N PRO A 509 15.73 5.21 11.75
CA PRO A 509 15.64 4.27 12.88
C PRO A 509 14.23 4.17 13.44
N LEU A 510 13.50 5.25 13.54
CA LEU A 510 12.15 5.18 14.06
C LEU A 510 11.29 4.28 13.18
N LEU A 511 11.25 4.52 11.89
CA LEU A 511 10.46 3.75 10.97
C LEU A 511 10.93 2.31 10.91
N ALA A 512 12.30 2.10 10.91
CA ALA A 512 12.83 0.75 10.86
C ALA A 512 12.21 -0.07 11.98
N CYS A 513 12.12 0.53 13.15
CA CYS A 513 11.53 -0.10 14.32
C CYS A 513 10.04 -0.36 14.15
N LEU A 514 9.31 0.65 13.66
CA LEU A 514 7.87 0.51 13.47
C LEU A 514 7.55 -0.51 12.37
N LEU A 515 8.23 -0.41 11.23
CA LEU A 515 8.00 -1.35 10.14
C LEU A 515 8.46 -2.73 10.61
N GLY A 516 9.66 -2.78 11.21
CA GLY A 516 10.20 -4.04 11.69
C GLY A 516 9.25 -4.85 12.55
N ARG A 517 8.71 -4.25 13.61
CA ARG A 517 7.77 -4.96 14.47
C ARG A 517 6.59 -5.51 13.69
N GLN A 518 5.89 -4.63 12.99
CA GLN A 518 4.72 -5.02 12.24
C GLN A 518 4.94 -6.24 11.38
N PHE A 519 5.95 -6.19 10.52
CA PHE A 519 6.23 -7.33 9.65
C PHE A 519 6.60 -8.58 10.46
N GLN A 520 7.29 -8.40 11.58
CA GLN A 520 7.63 -9.54 12.42
C GLN A 520 6.32 -10.16 12.93
N GLN A 521 5.36 -9.31 13.25
CA GLN A 521 4.10 -9.77 13.79
C GLN A 521 3.14 -10.38 12.78
N ILE A 522 3.10 -9.86 11.55
CA ILE A 522 2.19 -10.46 10.58
C ILE A 522 2.75 -11.81 10.14
N ARG A 523 4.07 -11.98 10.29
CA ARG A 523 4.70 -13.25 9.95
C ARG A 523 4.49 -14.27 11.09
N ASP A 524 5.09 -14.01 12.24
CA ASP A 524 4.99 -14.92 13.38
C ASP A 524 3.57 -15.23 13.82
N GLY A 525 2.64 -14.32 13.54
CA GLY A 525 1.26 -14.52 13.96
C GLY A 525 0.35 -15.11 12.91
N ASP A 526 0.91 -15.52 11.78
CA ASP A 526 0.11 -16.10 10.70
C ASP A 526 0.17 -17.62 10.65
N ARG A 527 -0.98 -18.26 10.87
CA ARG A 527 -1.06 -19.71 10.87
C ARG A 527 -0.79 -20.31 9.49
N PHE A 528 -1.02 -19.51 8.45
CA PHE A 528 -0.78 -19.99 7.09
C PHE A 528 0.50 -19.47 6.44
N TRP A 529 1.45 -19.03 7.25
CA TRP A 529 2.71 -18.57 6.69
C TRP A 529 3.26 -19.73 5.87
N TRP A 530 3.69 -19.44 4.66
CA TRP A 530 4.20 -20.48 3.79
C TRP A 530 5.26 -21.41 4.39
N GLU A 531 6.21 -20.84 5.14
CA GLU A 531 7.27 -21.66 5.70
C GLU A 531 6.89 -22.31 7.04
N ASN A 532 5.67 -22.07 7.49
CA ASN A 532 5.22 -22.67 8.75
C ASN A 532 4.95 -24.15 8.59
N PRO A 533 5.56 -24.99 9.44
CA PRO A 533 5.39 -26.44 9.38
C PRO A 533 3.93 -26.83 9.14
N GLY A 534 3.71 -27.77 8.22
CA GLY A 534 2.37 -28.25 7.94
C GLY A 534 1.51 -27.50 6.94
N VAL A 535 1.95 -26.34 6.48
CA VAL A 535 1.17 -25.58 5.50
C VAL A 535 1.39 -26.12 4.10
N PHE A 536 2.65 -26.29 3.71
CA PHE A 536 2.98 -26.86 2.41
C PHE A 536 3.72 -28.16 2.74
N THR A 537 4.09 -28.94 1.72
CA THR A 537 4.83 -30.16 1.97
C THR A 537 6.30 -29.78 1.93
N GLU A 538 7.16 -30.58 2.54
CA GLU A 538 8.59 -30.28 2.56
C GLU A 538 9.11 -30.06 1.15
N LYS A 539 8.60 -30.85 0.20
CA LYS A 539 9.03 -30.75 -1.19
C LYS A 539 8.47 -29.54 -1.92
N GLN A 540 7.22 -29.16 -1.64
CA GLN A 540 6.64 -27.99 -2.29
C GLN A 540 7.48 -26.76 -1.86
N ARG A 541 7.87 -26.75 -0.59
CA ARG A 541 8.66 -25.67 -0.02
C ARG A 541 10.03 -25.44 -0.67
N ASP A 542 10.62 -26.48 -1.24
CA ASP A 542 11.89 -26.30 -1.91
C ASP A 542 11.65 -25.73 -3.31
N SER A 543 10.46 -26.00 -3.83
CA SER A 543 10.08 -25.50 -5.15
C SER A 543 9.76 -24.02 -5.07
N LEU A 544 9.12 -23.61 -3.98
CA LEU A 544 8.77 -22.21 -3.76
C LEU A 544 10.03 -21.37 -3.57
N GLN A 545 10.99 -21.95 -2.87
CA GLN A 545 12.28 -21.31 -2.60
C GLN A 545 12.92 -20.72 -3.86
N LYS A 546 12.43 -21.13 -5.02
CA LYS A 546 12.99 -20.66 -6.29
C LYS A 546 12.30 -19.48 -6.97
N VAL A 547 11.22 -19.00 -6.52
CA VAL A 547 10.54 -17.84 -7.10
C VAL A 547 11.41 -16.61 -7.13
N SER A 548 11.16 -15.88 -8.13
CA SER A 548 11.88 -14.64 -8.32
C SER A 548 10.89 -13.72 -8.99
N PHE A 549 11.04 -12.41 -8.81
CA PHE A 549 10.12 -11.49 -9.48
C PHE A 549 10.43 -11.59 -10.97
N SER A 550 11.69 -11.85 -11.28
CA SER A 550 12.13 -11.99 -12.66
C SER A 550 11.27 -13.06 -13.33
N ARG A 551 11.27 -14.25 -12.74
CA ARG A 551 10.50 -15.39 -13.25
C ARG A 551 9.03 -15.02 -13.46
N LEU A 552 8.44 -14.32 -12.49
CA LEU A 552 7.05 -13.92 -12.61
C LEU A 552 6.82 -13.12 -13.89
N ILE A 553 7.78 -12.27 -14.23
CA ILE A 553 7.66 -11.45 -15.43
C ILE A 553 7.76 -12.31 -16.70
N CYS A 554 8.75 -13.20 -16.71
CA CYS A 554 8.97 -14.10 -17.84
C CYS A 554 7.73 -14.95 -18.09
N ASP A 555 7.16 -15.49 -17.03
CA ASP A 555 5.98 -16.34 -17.14
C ASP A 555 4.71 -15.56 -17.48
N ASN A 556 4.68 -14.26 -17.23
CA ASN A 556 3.45 -13.52 -17.48
C ASN A 556 3.48 -12.28 -18.36
N THR A 557 4.46 -12.19 -19.25
CA THR A 557 4.54 -11.11 -20.23
C THR A 557 5.23 -11.64 -21.48
N HIS A 558 5.60 -10.80 -22.39
CA HIS A 558 6.35 -11.21 -23.55
C HIS A 558 7.73 -10.59 -23.52
N ILE A 559 8.32 -10.64 -22.34
CA ILE A 559 9.66 -10.13 -22.12
C ILE A 559 10.52 -11.36 -21.89
N THR A 560 11.72 -11.34 -22.43
CA THR A 560 12.62 -12.49 -22.31
C THR A 560 14.00 -12.05 -21.82
N LYS A 561 14.14 -10.75 -21.62
CA LYS A 561 15.38 -10.16 -21.13
C LYS A 561 15.11 -9.50 -19.78
N VAL A 562 15.54 -10.13 -18.69
CA VAL A 562 15.30 -9.59 -17.35
C VAL A 562 16.50 -9.73 -16.42
N PRO A 563 16.60 -8.87 -15.39
CA PRO A 563 17.73 -8.95 -14.46
C PRO A 563 17.52 -10.13 -13.52
N LEU A 564 18.55 -10.44 -12.75
CA LEU A 564 18.46 -11.54 -11.79
C LEU A 564 17.90 -11.02 -10.45
N HIS A 565 18.24 -9.78 -10.12
CA HIS A 565 17.80 -9.14 -8.88
C HIS A 565 16.96 -7.91 -9.23
N ALA A 566 15.67 -8.14 -9.35
CA ALA A 566 14.70 -7.12 -9.76
C ALA A 566 14.65 -5.79 -9.00
N PHE A 567 14.86 -5.82 -7.68
CA PHE A 567 14.78 -4.59 -6.91
C PHE A 567 16.00 -3.66 -6.93
N GLN A 568 17.14 -4.12 -7.42
CA GLN A 568 18.30 -3.24 -7.46
C GLN A 568 18.37 -2.56 -8.83
N ALA A 569 19.00 -1.39 -8.88
CA ALA A 569 19.15 -0.67 -10.14
C ALA A 569 19.79 -1.60 -11.18
N ASN A 570 19.14 -1.75 -12.33
CA ASN A 570 19.65 -2.63 -13.38
C ASN A 570 19.62 -1.95 -14.75
N ASN A 571 20.73 -2.06 -15.47
CA ASN A 571 20.84 -1.47 -16.79
C ASN A 571 20.98 -2.49 -17.91
N TYR A 572 20.31 -2.21 -19.01
CA TYR A 572 20.33 -3.08 -20.19
C TYR A 572 21.44 -2.61 -21.16
N PRO A 573 22.09 -3.56 -21.85
CA PRO A 573 21.87 -5.01 -21.74
C PRO A 573 22.69 -5.73 -20.69
N HIS A 574 23.64 -5.01 -20.09
CA HIS A 574 24.54 -5.62 -19.11
C HIS A 574 23.96 -6.44 -17.97
N ASP A 575 23.09 -5.85 -17.16
CA ASP A 575 22.53 -6.57 -16.02
C ASP A 575 21.35 -7.48 -16.37
N PHE A 576 21.11 -7.65 -17.67
CA PHE A 576 19.99 -8.49 -18.12
C PHE A 576 20.41 -9.84 -18.68
N VAL A 577 19.54 -10.83 -18.52
CA VAL A 577 19.79 -12.18 -19.00
C VAL A 577 18.54 -12.78 -19.65
N ASP A 578 18.69 -13.95 -20.26
CA ASP A 578 17.56 -14.59 -20.91
C ASP A 578 16.77 -15.40 -19.89
N CYS A 579 15.46 -15.23 -19.94
CA CYS A 579 14.54 -15.91 -19.04
C CYS A 579 14.80 -17.39 -18.82
N SER A 580 15.43 -18.02 -19.80
CA SER A 580 15.74 -19.45 -19.76
C SER A 580 16.81 -19.77 -18.71
N THR A 581 17.65 -18.79 -18.40
CA THR A 581 18.70 -18.98 -17.41
C THR A 581 18.13 -18.56 -16.06
N VAL A 582 16.82 -18.68 -15.92
CA VAL A 582 16.13 -18.27 -14.71
C VAL A 582 15.25 -19.36 -14.09
N ASP A 583 15.50 -19.64 -12.82
CA ASP A 583 14.75 -20.66 -12.11
C ASP A 583 13.24 -20.53 -12.28
N LYS A 584 12.61 -21.61 -12.75
CA LYS A 584 11.17 -21.65 -12.92
C LYS A 584 10.59 -22.21 -11.63
N LEU A 585 9.27 -22.26 -11.56
CA LEU A 585 8.62 -22.83 -10.40
C LEU A 585 8.19 -24.24 -10.81
N ASP A 586 8.86 -25.24 -10.25
CA ASP A 586 8.54 -26.63 -10.54
C ASP A 586 7.31 -26.99 -9.73
N LEU A 587 6.22 -27.30 -10.42
CA LEU A 587 4.95 -27.63 -9.77
C LEU A 587 4.70 -29.13 -9.55
N SER A 588 5.63 -29.98 -9.95
CA SER A 588 5.53 -31.42 -9.75
C SER A 588 5.04 -31.78 -8.35
N PRO A 589 5.62 -31.13 -7.28
CA PRO A 589 5.21 -31.57 -5.95
C PRO A 589 3.74 -31.29 -5.63
N TRP A 590 2.99 -30.71 -6.55
CA TRP A 590 1.57 -30.49 -6.34
C TRP A 590 0.72 -31.62 -6.90
N ALA A 591 1.35 -32.52 -7.67
CA ALA A 591 0.66 -33.68 -8.25
C ALA A 591 0.20 -34.50 -7.05
N SER A 592 -1.03 -35.04 -7.11
CA SER A 592 -1.56 -35.81 -5.98
C SER A 592 -2.06 -37.22 -6.31
N ARG A 593 -1.16 -38.20 -6.30
CA ARG A 593 -1.52 -39.60 -6.58
C ARG A 593 -2.07 -40.32 -5.34
N GLU A 594 -3.33 -40.76 -5.42
CA GLU A 594 -3.96 -41.44 -4.31
C GLU A 594 -4.58 -42.78 -4.70
N ASN A 595 -4.02 -43.42 -5.72
CA ASN A 595 -4.49 -44.71 -6.19
C ASN A 595 -3.35 -45.52 -6.79
C1 NAG B . -14.04 -18.28 -18.10
C2 NAG B . -14.08 -17.05 -19.01
C3 NAG B . -14.45 -17.40 -20.44
C4 NAG B . -13.76 -18.69 -20.91
C5 NAG B . -13.88 -19.78 -19.83
C6 NAG B . -13.27 -21.14 -20.18
C7 NAG B . -14.72 -14.97 -17.99
C8 NAG B . -15.82 -14.01 -17.62
N2 NAG B . -15.07 -16.09 -18.60
O3 NAG B . -14.12 -16.33 -21.28
O4 NAG B . -14.38 -19.04 -22.10
O5 NAG B . -13.25 -19.30 -18.66
O6 NAG B . -11.87 -21.01 -20.35
O7 NAG B . -13.55 -14.69 -17.73
C1 NAG B . -13.40 -19.33 -23.11
C2 NAG B . -13.99 -20.23 -24.23
C3 NAG B . -14.03 -19.57 -25.62
C4 NAG B . -12.81 -18.67 -25.97
C5 NAG B . -11.91 -18.53 -24.74
C6 NAG B . -10.75 -17.56 -24.95
C7 NAG B . -13.29 -22.52 -23.60
C8 NAG B . -12.28 -23.60 -23.87
N2 NAG B . -13.15 -21.41 -24.32
O3 NAG B . -15.24 -18.84 -25.75
O4 NAG B . -12.03 -19.17 -27.07
O5 NAG B . -12.68 -18.20 -23.60
O6 NAG B . -9.72 -18.01 -24.07
O7 NAG B . -14.19 -22.67 -22.76
C1 NAG C . -7.62 10.37 -24.92
C2 NAG C . -6.39 11.23 -25.26
C3 NAG C . -6.14 11.25 -26.76
C4 NAG C . -6.28 9.84 -27.33
C5 NAG C . -7.60 9.19 -26.85
C6 NAG C . -7.94 7.81 -27.39
C7 NAG C . -6.21 12.96 -23.60
C8 NAG C . -6.55 14.38 -23.20
N2 NAG C . -6.63 12.59 -24.80
O3 NAG C . -4.88 11.83 -27.02
O4 NAG C . -6.28 9.92 -28.73
O5 NAG C . -7.48 9.10 -25.47
O6 NAG C . -6.80 6.99 -27.45
O7 NAG C . -5.60 12.20 -22.84
C1 NAG C . -5.36 8.98 -29.28
C2 NAG C . -5.57 8.95 -30.78
C3 NAG C . -4.35 8.33 -31.42
C4 NAG C . -3.18 9.27 -31.21
C5 NAG C . -3.24 10.02 -29.87
C6 NAG C . -3.69 11.49 -29.97
C7 NAG C . -7.97 8.98 -31.30
C8 NAG C . -9.19 8.18 -31.69
N2 NAG C . -6.82 8.30 -31.15
O3 NAG C . -4.54 8.24 -32.80
O4 NAG C . -2.00 8.50 -31.31
O5 NAG C . -4.04 9.32 -28.92
O6 NAG C . -3.66 11.97 -31.30
O7 NAG C . -8.07 10.19 -31.11
C1 MAN C . -1.01 9.11 -32.18
C2 MAN C . -1.62 9.91 -33.35
C3 MAN C . -0.90 9.70 -34.68
C4 MAN C . -0.80 8.21 -34.99
C5 MAN C . -0.50 7.35 -33.75
C6 MAN C . 0.60 6.34 -34.04
O2 MAN C . -1.68 11.28 -33.04
O3 MAN C . 0.39 10.30 -34.65
O4 MAN C . -2.01 7.77 -35.60
O5 MAN C . -0.08 8.14 -32.64
O6 MAN C . 0.01 5.12 -34.45
CA CA D . -4.04 -8.98 3.34
CHA HEM E . -2.14 5.97 0.91
CHB HEM E . -1.42 7.63 -3.39
CHC HEM E . 2.44 4.96 -3.50
CHD HEM E . 1.91 3.41 0.95
C1A HEM E . -2.33 6.65 -0.20
C2A HEM E . -3.48 7.53 -0.48
C3A HEM E . -3.27 8.01 -1.68
C4A HEM E . -2.04 7.42 -2.17
CMA HEM E . -4.20 8.97 -2.45
CAA HEM E . -4.65 7.82 0.54
CBA HEM E . -4.52 9.08 1.36
CGA HEM E . -5.51 9.15 2.52
O1A HEM E . -5.08 9.18 3.74
O2A HEM E . -6.75 9.18 2.19
C1B HEM E . -0.31 7.00 -3.85
C2B HEM E . 0.24 7.12 -5.15
C3B HEM E . 1.33 6.33 -5.17
C4B HEM E . 1.44 5.77 -3.87
CMB HEM E . -0.30 7.97 -6.30
CAB HEM E . 2.34 6.06 -6.32
CBB HEM E . 2.48 6.89 -7.40
C1C HEM E . 2.67 4.31 -2.31
C2C HEM E . 3.84 3.48 -2.02
C3C HEM E . 3.70 3.03 -0.74
C4C HEM E . 2.45 3.61 -0.29
CMC HEM E . 5.06 3.16 -2.97
CAC HEM E . 4.61 2.09 0.13
CBC HEM E . 5.90 1.79 -0.05
C1D HEM E . 0.70 3.96 1.32
C2D HEM E . 0.07 3.63 2.53
C3D HEM E . -1.20 4.38 2.55
C4D HEM E . -1.14 5.14 1.28
CMD HEM E . 0.42 2.73 3.68
CAD HEM E . -2.23 4.25 3.76
CBD HEM E . -3.38 3.17 3.40
CGD HEM E . -4.48 2.90 4.42
O1D HEM E . -5.50 3.61 4.34
O2D HEM E . -4.36 1.96 5.27
NA HEM E . -1.49 6.60 -1.23
NB HEM E . 0.45 6.18 -3.10
NC HEM E . 1.84 4.39 -1.24
ND HEM E . -0.05 4.87 0.60
FE HEM E . 0.19 5.61 -1.24
C1 NAG F . 22.78 -1.57 -3.97
C2 NAG F . 24.25 -1.63 -3.53
C3 NAG F . 24.71 -2.99 -2.95
C4 NAG F . 23.61 -3.88 -2.35
C5 NAG F . 22.20 -3.62 -2.90
C6 NAG F . 21.12 -4.12 -1.95
C7 NAG F . 25.68 -0.15 -4.93
C8 NAG F . 26.46 -0.12 -6.21
N2 NAG F . 25.07 -1.32 -4.69
O3 NAG F . 25.71 -2.80 -1.95
O4 NAG F . 24.00 -5.22 -2.54
O5 NAG F . 21.93 -2.25 -3.10
O6 NAG F . 19.88 -4.17 -2.62
O7 NAG F . 25.63 0.84 -4.17
C1 NAG G . 5.35 -16.15 21.47
C2 NAG G . 6.80 -16.14 21.98
C3 NAG G . 6.96 -15.44 23.35
C4 NAG G . 6.34 -14.05 23.31
C5 NAG G . 4.91 -14.11 22.77
C6 NAG G . 4.34 -12.70 22.58
C7 NAG G . 8.08 -17.94 21.00
C8 NAG G . 8.67 -19.32 21.17
N2 NAG G . 7.40 -17.46 22.03
O3 NAG G . 8.34 -15.29 23.65
O4 NAG G . 6.35 -13.52 24.63
O5 NAG G . 4.82 -14.82 21.53
O6 NAG G . 4.97 -12.04 21.50
O7 NAG G . 8.22 -17.32 19.94
I IOD H . -1.14 2.77 16.98
I IOD I . 3.29 28.49 2.98
I IOD J . 22.30 -0.28 -0.47
I IOD K . -14.93 -6.86 -18.98
I IOD L . 10.86 -15.78 3.51
I IOD M . 12.27 -8.13 -24.10
I IOD N . 16.00 -8.48 -5.75
I IOD O . 12.04 12.21 -10.16
I IOD P . -11.81 -0.94 -24.56
I IOD Q . -2.67 -14.62 -19.47
I IOD R . 12.38 7.03 -21.85
I IOD S . -14.89 10.56 -10.91
I IOD T . 17.40 17.56 23.92
I IOD U . -3.55 16.15 -16.63
I IOD V . 1.98 25.45 -5.90
C1 TYL W . -6.10 5.62 -3.75
C2 TYL W . -5.02 5.27 -4.54
C3 TYL W . -3.86 4.77 -3.95
C4 TYL W . -3.79 4.63 -2.57
C5 TYL W . -4.88 4.97 -1.78
C6 TYL W . -6.04 5.47 -2.37
N TYL W . -7.23 6.11 -4.32
C TYL W . -8.27 5.30 -4.53
CM TYL W . -8.17 4.42 -5.75
O4 TYL W . -2.67 4.14 -1.98
O TYL W . -9.23 5.28 -3.79
C1 MPD X . -18.43 -4.47 -6.10
C2 MPD X . -18.28 -5.78 -5.33
O2 MPD X . -17.87 -6.82 -6.26
CM MPD X . -17.23 -5.64 -4.24
C3 MPD X . -19.62 -6.18 -4.73
C4 MPD X . -20.33 -7.22 -5.59
O4 MPD X . -20.53 -8.39 -4.84
C5 MPD X . -21.67 -6.69 -6.09
S SCN Y . -14.26 2.60 -10.10
C SCN Y . -12.64 2.88 -9.28
N SCN Y . -11.56 3.11 -8.79
C1 EDO Z . -1.96 1.32 -29.65
O1 EDO Z . -3.05 1.47 -30.58
C2 EDO Z . -0.89 0.40 -30.25
O2 EDO Z . 0.43 0.89 -29.92
C1 EDO AA . -16.19 -15.62 -0.92
O1 EDO AA . -16.25 -16.45 -2.16
C2 EDO AA . -16.63 -16.46 0.25
O2 EDO AA . -15.43 -17.19 0.68
C1 GOL BA . -4.98 -9.86 21.11
O1 GOL BA . -5.11 -8.48 20.84
C2 GOL BA . -3.55 -10.19 21.54
O2 GOL BA . -2.71 -9.14 21.17
C3 GOL BA . -3.04 -11.47 20.86
O3 GOL BA . -3.86 -12.58 21.19
#